data_7KEU
#
_entry.id   7KEU
#
_cell.length_a   1.00
_cell.length_b   1.00
_cell.length_c   1.00
_cell.angle_alpha   90.00
_cell.angle_beta   90.00
_cell.angle_gamma   90.00
#
_symmetry.space_group_name_H-M   'P 1'
#
loop_
_entity.id
_entity.type
_entity.pdbx_description
1 polymer Caspase-1
2 polymer 'Apoptosis-associated speck-like protein containing a CARD'
#
loop_
_entity_poly.entity_id
_entity_poly.type
_entity_poly.pdbx_seq_one_letter_code
_entity_poly.pdbx_strand_id
1 'polypeptide(L)'
;ADKVLKEKRKLFIRSMGEWTINGLLDELLQTRVLNKEEMEKVKRENATVMDKTRALIDSVIPKGAQACQICITYICEEDS
YLAGT
;
E,F,G,H
2 'polypeptide(L)'
;HFIDQHRAALIARVTNVEWLLDALYGKVLTDEQYQAVRAEPTNPSKMRKLFSFTPAGNWTCKDLLLQALRESQSYLVEDL
ER
;
A,B,C,D
#
# COMPACT_ATOMS: atom_id res chain seq x y z
N ALA A 1 0.80 30.57 16.83
CA ALA A 1 1.58 31.11 15.68
C ALA A 1 1.97 29.96 14.74
N ASP A 2 2.63 28.96 15.30
CA ASP A 2 3.12 27.79 14.58
C ASP A 2 1.98 27.01 13.91
N LYS A 3 0.89 26.79 14.66
CA LYS A 3 -0.27 26.06 14.16
C LYS A 3 -0.89 26.80 12.97
N VAL A 4 -0.94 28.13 13.03
CA VAL A 4 -1.54 28.96 12.00
C VAL A 4 -0.69 28.86 10.73
N LEU A 5 0.63 28.79 10.91
CA LEU A 5 1.58 28.84 9.82
C LEU A 5 1.38 27.67 8.88
N LYS A 6 1.03 26.50 9.44
CA LYS A 6 0.67 25.33 8.64
C LYS A 6 -0.78 25.42 8.17
N GLU A 7 -1.67 25.98 8.99
CA GLU A 7 -3.09 25.96 8.73
C GLU A 7 -3.39 26.42 7.30
N LYS A 8 -2.61 27.39 6.79
CA LYS A 8 -2.88 27.93 5.47
C LYS A 8 -1.59 27.98 4.67
N ARG A 9 -1.63 28.78 3.59
CA ARG A 9 -0.51 28.99 2.70
C ARG A 9 0.06 27.66 2.19
N LYS A 10 -0.84 26.69 1.92
CA LYS A 10 -0.43 25.38 1.47
C LYS A 10 -0.66 25.26 -0.03
N LEU A 11 -1.88 25.60 -0.47
CA LEU A 11 -2.15 25.80 -1.89
C LEU A 11 -1.25 26.92 -2.41
N PHE A 12 -0.92 27.86 -1.52
CA PHE A 12 -0.04 28.96 -1.87
C PHE A 12 1.41 28.52 -1.94
N ILE A 13 1.83 27.66 -1.00
CA ILE A 13 3.17 27.09 -1.07
C ILE A 13 3.23 26.03 -2.16
N ARG A 14 2.06 25.56 -2.63
CA ARG A 14 2.00 24.61 -3.72
C ARG A 14 2.30 25.29 -5.07
N SER A 15 2.26 26.62 -5.06
CA SER A 15 2.61 27.42 -6.22
C SER A 15 3.97 28.07 -5.93
N MET A 16 4.93 27.23 -5.55
CA MET A 16 6.30 27.67 -5.34
C MET A 16 7.23 27.11 -6.42
N GLY A 17 8.54 27.33 -6.27
CA GLY A 17 9.50 27.08 -7.33
C GLY A 17 10.76 26.37 -6.84
N GLU A 18 11.41 25.65 -7.76
CA GLU A 18 12.55 24.80 -7.48
C GLU A 18 13.68 25.61 -6.86
N TRP A 19 13.81 26.88 -7.26
CA TRP A 19 14.93 27.71 -6.82
C TRP A 19 14.95 27.69 -5.28
N THR A 20 13.76 28.00 -4.75
CA THR A 20 13.58 28.15 -3.32
C THR A 20 13.61 26.77 -2.68
N ILE A 21 12.96 25.79 -3.34
CA ILE A 21 12.86 24.42 -2.84
C ILE A 21 14.26 23.82 -2.68
N ASN A 22 15.09 23.99 -3.71
CA ASN A 22 16.43 23.42 -3.71
C ASN A 22 17.21 23.99 -2.54
N GLY A 23 17.18 25.32 -2.39
CA GLY A 23 17.88 25.98 -1.31
C GLY A 23 17.34 25.56 0.06
N LEU A 24 16.03 25.39 0.12
CA LEU A 24 15.27 25.19 1.34
C LEU A 24 15.63 23.88 1.97
N LEU A 25 15.66 22.79 1.18
CA LEU A 25 15.90 21.47 1.74
C LEU A 25 17.35 21.33 2.20
N ASP A 26 18.26 22.05 1.51
CA ASP A 26 19.66 22.07 1.90
C ASP A 26 19.83 22.66 3.30
N GLU A 27 19.07 23.72 3.58
CA GLU A 27 19.19 24.42 4.84
C GLU A 27 18.43 23.66 5.93
N LEU A 28 17.33 23.00 5.60
CA LEU A 28 16.53 22.21 6.52
C LEU A 28 17.33 21.02 7.04
N LEU A 29 18.23 20.49 6.19
CA LEU A 29 19.18 19.48 6.62
C LEU A 29 20.24 20.09 7.53
N GLN A 30 20.77 21.26 7.14
CA GLN A 30 21.70 22.06 7.91
C GLN A 30 21.15 22.49 9.27
N THR A 31 19.87 22.82 9.30
CA THR A 31 19.21 23.23 10.53
C THR A 31 18.72 22.02 11.29
N ARG A 32 18.87 20.84 10.68
CA ARG A 32 18.63 19.52 11.25
C ARG A 32 17.16 19.30 11.62
N VAL A 33 16.27 20.22 11.22
CA VAL A 33 14.85 20.01 11.36
C VAL A 33 14.42 18.90 10.41
N LEU A 34 15.07 18.83 9.23
CA LEU A 34 14.91 17.76 8.28
C LEU A 34 16.07 16.77 8.39
N ASN A 35 15.72 15.48 8.29
CA ASN A 35 16.72 14.42 8.32
C ASN A 35 17.24 14.21 6.91
N LYS A 36 18.38 13.52 6.83
CA LYS A 36 19.02 13.15 5.59
C LYS A 36 18.06 12.30 4.76
N GLU A 37 17.31 11.43 5.44
CA GLU A 37 16.61 10.33 4.77
C GLU A 37 15.50 10.88 3.87
N GLU A 38 14.65 11.73 4.46
CA GLU A 38 13.38 12.04 3.82
C GLU A 38 13.60 12.99 2.64
N MET A 39 14.51 13.93 2.85
CA MET A 39 14.93 14.85 1.81
C MET A 39 15.52 14.08 0.64
N GLU A 40 16.33 13.04 0.96
CA GLU A 40 16.92 12.18 -0.03
C GLU A 40 15.85 11.47 -0.86
N LYS A 41 14.76 11.00 -0.23
CA LYS A 41 13.71 10.33 -0.97
C LYS A 41 12.94 11.33 -1.82
N VAL A 42 12.54 12.44 -1.21
CA VAL A 42 11.57 13.35 -1.80
C VAL A 42 12.08 13.99 -3.09
N LYS A 43 13.39 14.28 -3.17
CA LYS A 43 13.96 14.99 -4.29
C LYS A 43 13.93 14.17 -5.58
N ARG A 44 14.04 12.83 -5.47
CA ARG A 44 14.07 12.01 -6.67
C ARG A 44 12.74 11.31 -6.90
N GLU A 45 12.27 10.64 -5.84
CA GLU A 45 11.17 9.68 -5.96
C GLU A 45 9.86 10.41 -6.24
N ASN A 46 9.57 11.45 -5.47
CA ASN A 46 8.40 12.30 -5.67
C ASN A 46 8.50 13.09 -6.97
N ALA A 47 7.34 13.53 -7.48
CA ALA A 47 7.28 14.29 -8.73
C ALA A 47 8.06 15.61 -8.58
N THR A 48 8.71 16.02 -9.67
CA THR A 48 9.59 17.18 -9.66
C THR A 48 8.76 18.47 -9.71
N VAL A 49 7.79 18.53 -10.64
CA VAL A 49 7.01 19.73 -10.88
C VAL A 49 6.28 20.13 -9.61
N MET A 50 5.73 19.17 -8.84
CA MET A 50 4.73 19.48 -7.83
C MET A 50 5.03 18.82 -6.50
N ASP A 51 5.20 17.50 -6.49
CA ASP A 51 5.40 16.74 -5.28
C ASP A 51 6.59 17.25 -4.47
N LYS A 52 7.50 17.98 -5.12
CA LYS A 52 8.53 18.77 -4.49
C LYS A 52 7.98 19.58 -3.31
N THR A 53 6.80 20.16 -3.47
CA THR A 53 6.18 20.98 -2.42
C THR A 53 5.66 20.08 -1.31
N ARG A 54 4.85 19.09 -1.72
CA ARG A 54 4.19 18.16 -0.80
C ARG A 54 5.21 17.47 0.10
N ALA A 55 6.48 17.51 -0.34
CA ALA A 55 7.61 17.02 0.42
C ALA A 55 7.88 17.88 1.67
N LEU A 56 8.05 19.19 1.47
CA LEU A 56 8.24 20.04 2.65
C LEU A 56 6.93 20.13 3.41
N ILE A 57 5.81 19.91 2.72
CA ILE A 57 4.51 19.88 3.38
C ILE A 57 4.43 18.62 4.25
N ASP A 58 5.35 17.67 4.06
CA ASP A 58 5.50 16.56 4.98
C ASP A 58 6.27 16.97 6.23
N SER A 59 6.71 18.23 6.30
CA SER A 59 7.20 18.83 7.52
C SER A 59 6.08 19.53 8.30
N VAL A 60 4.96 19.77 7.62
CA VAL A 60 3.82 20.48 8.20
C VAL A 60 3.32 19.73 9.45
N ILE A 61 3.29 18.41 9.38
CA ILE A 61 3.05 17.61 10.57
C ILE A 61 4.27 17.88 11.45
N PRO A 62 4.15 18.57 12.62
CA PRO A 62 5.31 18.97 13.42
C PRO A 62 6.66 18.27 13.38
N LYS A 63 7.39 18.34 12.24
CA LYS A 63 8.77 17.91 12.21
C LYS A 63 9.61 19.08 12.70
N GLY A 64 8.92 20.05 13.30
CA GLY A 64 9.46 21.30 13.78
C GLY A 64 8.39 22.37 13.65
N ALA A 65 7.70 22.67 14.75
CA ALA A 65 6.79 23.79 14.79
C ALA A 65 7.64 25.06 14.85
N GLN A 66 8.81 24.94 15.47
CA GLN A 66 9.83 25.99 15.44
C GLN A 66 10.39 26.07 14.03
N ALA A 67 10.30 24.94 13.30
CA ALA A 67 10.76 24.93 11.92
C ALA A 67 9.80 25.66 11.00
N CYS A 68 8.56 25.91 11.45
CA CYS A 68 7.66 26.73 10.67
C CYS A 68 8.21 28.15 10.57
N GLN A 69 8.83 28.62 11.66
CA GLN A 69 9.50 29.92 11.69
C GLN A 69 10.77 29.87 10.83
N ILE A 70 11.44 28.72 10.84
CA ILE A 70 12.65 28.55 10.07
C ILE A 70 12.28 28.57 8.59
N CYS A 71 11.11 27.98 8.25
CA CYS A 71 10.67 27.93 6.88
C CYS A 71 10.27 29.33 6.40
N ILE A 72 9.51 30.04 7.23
CA ILE A 72 9.04 31.38 6.88
C ILE A 72 10.20 32.36 6.78
N THR A 73 11.21 32.20 7.64
CA THR A 73 12.37 33.07 7.62
C THR A 73 13.22 32.79 6.38
N TYR A 74 13.24 31.53 5.93
CA TYR A 74 13.90 31.20 4.69
C TYR A 74 13.16 31.79 3.50
N ILE A 75 11.82 31.86 3.62
CA ILE A 75 10.97 32.48 2.61
C ILE A 75 11.25 33.98 2.56
N CYS A 76 11.54 34.58 3.73
CA CYS A 76 11.89 35.99 3.88
C CYS A 76 13.20 36.32 3.19
N GLU A 77 14.12 35.36 3.01
CA GLU A 77 15.36 35.56 2.28
C GLU A 77 15.11 35.94 0.81
N GLU A 78 13.96 35.51 0.27
CA GLU A 78 13.50 35.95 -1.04
C GLU A 78 12.12 36.58 -0.95
N ASP A 79 11.41 36.67 -2.08
CA ASP A 79 10.14 37.33 -2.23
C ASP A 79 9.04 36.52 -1.53
N SER A 80 8.64 37.01 -0.36
CA SER A 80 7.57 36.41 0.43
C SER A 80 6.21 36.97 0.03
N TYR A 81 5.78 36.71 -1.20
CA TYR A 81 4.61 37.37 -1.75
C TYR A 81 3.35 36.74 -1.19
N LEU A 82 3.51 35.59 -0.54
CA LEU A 82 2.42 34.90 0.15
C LEU A 82 2.08 35.64 1.44
N ALA A 83 0.80 35.60 1.81
CA ALA A 83 0.32 36.14 3.08
C ALA A 83 0.90 35.39 4.28
N GLY A 84 1.12 36.16 5.34
CA GLY A 84 1.70 35.69 6.60
C GLY A 84 3.22 35.56 6.56
N THR A 85 3.86 35.91 5.43
CA THR A 85 5.30 35.90 5.23
C THR A 85 5.75 37.29 4.77
N ALA B 1 30.10 -15.27 14.88
CA ALA B 1 30.61 -14.44 13.76
C ALA B 1 29.45 -14.05 12.85
N ASP B 2 28.73 -15.07 12.37
CA ASP B 2 27.73 -14.93 11.31
C ASP B 2 26.56 -14.06 11.79
N LYS B 3 26.02 -14.40 12.97
CA LYS B 3 24.82 -13.71 13.47
C LYS B 3 25.18 -12.26 13.80
N VAL B 4 26.40 -12.04 14.32
CA VAL B 4 26.90 -10.74 14.73
C VAL B 4 26.98 -9.81 13.52
N LEU B 5 27.31 -10.38 12.34
CA LEU B 5 27.58 -9.58 11.18
C LEU B 5 26.41 -8.70 10.77
N LYS B 6 25.17 -9.20 10.93
CA LYS B 6 24.05 -8.63 10.17
C LYS B 6 23.37 -7.53 10.97
N GLU B 7 23.20 -7.75 12.28
CA GLU B 7 22.54 -6.75 13.11
C GLU B 7 23.48 -5.54 13.16
N LYS B 8 24.76 -5.80 13.43
CA LYS B 8 25.75 -4.73 13.36
C LYS B 8 25.82 -4.16 11.94
N ARG B 9 25.33 -4.89 10.93
CA ARG B 9 25.55 -4.41 9.57
C ARG B 9 24.35 -3.64 9.03
N LYS B 10 23.13 -3.90 9.50
CA LYS B 10 22.09 -2.92 9.22
C LYS B 10 22.52 -1.61 9.88
N LEU B 11 23.04 -1.77 11.10
CA LEU B 11 23.60 -0.69 11.92
C LEU B 11 24.49 0.24 11.07
N PHE B 12 25.38 -0.34 10.25
CA PHE B 12 26.30 0.57 9.57
C PHE B 12 26.03 0.73 8.10
N ILE B 13 25.01 0.04 7.55
CA ILE B 13 24.85 0.18 6.10
C ILE B 13 24.08 1.47 5.79
N ARG B 14 23.82 2.27 6.82
CA ARG B 14 23.17 3.57 6.69
C ARG B 14 24.19 4.62 6.32
N SER B 15 25.47 4.25 6.19
CA SER B 15 26.55 5.16 5.84
C SER B 15 27.20 4.84 4.48
N MET B 16 26.61 5.31 3.36
CA MET B 16 26.91 4.75 2.06
C MET B 16 26.41 5.64 0.93
N GLY B 17 26.53 5.13 -0.30
CA GLY B 17 26.07 5.82 -1.50
C GLY B 17 25.57 4.84 -2.56
N GLU B 18 25.65 5.25 -3.83
CA GLU B 18 25.07 4.55 -4.98
C GLU B 18 26.16 3.90 -5.84
N TRP B 19 27.33 4.54 -5.93
CA TRP B 19 28.53 3.91 -6.49
C TRP B 19 28.67 2.52 -5.87
N THR B 20 28.55 2.50 -4.55
CA THR B 20 28.67 1.30 -3.75
C THR B 20 27.54 0.31 -4.06
N ILE B 21 26.31 0.83 -4.03
CA ILE B 21 25.10 0.04 -4.22
C ILE B 21 25.12 -0.62 -5.61
N ASN B 22 25.48 0.18 -6.62
CA ASN B 22 25.50 -0.30 -7.98
C ASN B 22 26.46 -1.50 -8.09
N GLY B 23 27.67 -1.33 -7.54
CA GLY B 23 28.67 -2.37 -7.58
C GLY B 23 28.25 -3.59 -6.76
N LEU B 24 27.58 -3.33 -5.62
CA LEU B 24 27.14 -4.39 -4.72
C LEU B 24 26.22 -5.38 -5.45
N LEU B 25 25.34 -4.80 -6.28
CA LEU B 25 24.31 -5.59 -6.95
C LEU B 25 24.93 -6.48 -8.01
N ASP B 26 25.99 -5.98 -8.65
CA ASP B 26 26.68 -6.69 -9.72
C ASP B 26 27.30 -7.95 -9.15
N GLU B 27 27.87 -7.85 -7.93
CA GLU B 27 28.60 -8.98 -7.38
C GLU B 27 27.62 -9.99 -6.77
N LEU B 28 26.53 -9.45 -6.17
CA LEU B 28 25.55 -10.30 -5.50
C LEU B 28 24.77 -11.13 -6.52
N LEU B 29 24.62 -10.58 -7.73
CA LEU B 29 24.01 -11.29 -8.84
C LEU B 29 24.97 -12.37 -9.34
N GLN B 30 26.25 -12.01 -9.52
CA GLN B 30 27.20 -12.89 -10.18
C GLN B 30 27.63 -13.97 -9.21
N THR B 31 27.50 -13.76 -7.89
CA THR B 31 27.81 -14.77 -6.90
C THR B 31 26.57 -15.63 -6.62
N ARG B 32 25.61 -15.59 -7.53
CA ARG B 32 24.53 -16.57 -7.69
C ARG B 32 23.56 -16.53 -6.52
N VAL B 33 23.62 -15.46 -5.72
CA VAL B 33 22.80 -15.34 -4.52
C VAL B 33 21.33 -15.19 -4.93
N LEU B 34 21.08 -14.36 -5.92
CA LEU B 34 19.73 -14.12 -6.41
C LEU B 34 19.77 -13.80 -7.90
N ASN B 35 18.59 -13.93 -8.50
CA ASN B 35 18.37 -13.86 -9.93
C ASN B 35 18.43 -12.41 -10.40
N LYS B 36 18.42 -12.24 -11.72
CA LYS B 36 18.37 -10.96 -12.38
C LYS B 36 17.14 -10.20 -11.91
N GLU B 37 16.02 -10.93 -11.72
CA GLU B 37 14.73 -10.35 -11.43
C GLU B 37 14.71 -9.64 -10.08
N GLU B 38 15.31 -10.22 -9.03
CA GLU B 38 15.38 -9.58 -7.73
C GLU B 38 16.31 -8.38 -7.76
N MET B 39 17.40 -8.48 -8.53
CA MET B 39 18.27 -7.34 -8.76
C MET B 39 17.50 -6.23 -9.46
N GLU B 40 16.68 -6.60 -10.44
CA GLU B 40 15.82 -5.66 -11.16
C GLU B 40 14.79 -5.06 -10.21
N LYS B 41 14.23 -5.88 -9.30
CA LYS B 41 13.21 -5.44 -8.37
C LYS B 41 13.79 -4.43 -7.38
N VAL B 42 15.01 -4.66 -6.91
CA VAL B 42 15.67 -3.73 -5.99
C VAL B 42 16.01 -2.43 -6.72
N LYS B 43 16.44 -2.52 -7.98
CA LYS B 43 16.78 -1.34 -8.74
C LYS B 43 15.54 -0.51 -9.10
N ARG B 44 14.41 -1.18 -9.28
CA ARG B 44 13.18 -0.52 -9.65
C ARG B 44 12.28 -0.32 -8.43
N GLU B 45 12.85 -0.43 -7.23
CA GLU B 45 12.12 -0.15 -6.00
C GLU B 45 11.93 1.36 -5.91
N ASN B 46 10.74 1.83 -5.51
CA ASN B 46 10.41 3.25 -5.54
C ASN B 46 11.04 3.95 -4.34
N ALA B 47 12.37 3.88 -4.24
CA ALA B 47 13.15 4.61 -3.27
C ALA B 47 14.46 5.02 -3.93
N THR B 48 15.33 5.69 -3.17
CA THR B 48 16.66 6.05 -3.63
C THR B 48 17.65 5.65 -2.54
N VAL B 49 18.45 4.59 -2.80
CA VAL B 49 19.53 4.15 -1.92
C VAL B 49 19.03 3.47 -0.65
N MET B 50 18.35 4.19 0.24
CA MET B 50 17.98 3.73 1.56
C MET B 50 17.13 2.47 1.57
N ASP B 51 15.92 2.52 1.01
CA ASP B 51 15.06 1.33 1.06
C ASP B 51 15.65 0.23 0.18
N LYS B 52 16.40 0.61 -0.86
CA LYS B 52 17.11 -0.37 -1.69
C LYS B 52 18.11 -1.12 -0.84
N THR B 53 18.75 -0.44 0.13
CA THR B 53 19.68 -1.10 1.06
C THR B 53 18.94 -2.11 1.95
N ARG B 54 17.81 -1.69 2.52
CA ARG B 54 17.00 -2.59 3.34
C ARG B 54 16.54 -3.80 2.52
N ALA B 55 16.54 -3.63 1.19
CA ALA B 55 16.14 -4.68 0.28
C ALA B 55 17.28 -5.68 0.10
N LEU B 56 18.50 -5.19 -0.10
CA LEU B 56 19.69 -6.03 -0.14
C LEU B 56 19.83 -6.77 1.19
N ILE B 57 19.44 -6.09 2.28
CA ILE B 57 19.51 -6.67 3.60
C ILE B 57 18.43 -7.74 3.74
N ASP B 58 17.38 -7.63 2.92
CA ASP B 58 16.39 -8.69 2.89
C ASP B 58 16.87 -9.87 2.06
N SER B 59 18.00 -9.68 1.37
CA SER B 59 18.69 -10.77 0.69
C SER B 59 19.74 -11.41 1.60
N VAL B 60 20.09 -10.74 2.71
CA VAL B 60 21.01 -11.31 3.67
C VAL B 60 20.20 -12.05 4.73
N ILE B 61 18.88 -11.85 4.75
CA ILE B 61 18.01 -12.57 5.66
C ILE B 61 18.14 -14.07 5.41
N PRO B 62 17.86 -14.62 4.20
CA PRO B 62 18.07 -16.05 3.97
C PRO B 62 19.54 -16.44 3.97
N LYS B 63 20.41 -15.44 4.02
CA LYS B 63 21.82 -15.64 3.76
C LYS B 63 22.38 -16.58 4.82
N GLY B 64 23.29 -17.45 4.36
CA GLY B 64 24.13 -18.24 5.23
C GLY B 64 25.46 -17.58 5.57
N ALA B 65 26.39 -18.41 6.07
CA ALA B 65 27.64 -17.92 6.59
C ALA B 65 28.40 -17.20 5.46
N GLN B 66 28.36 -17.82 4.27
CA GLN B 66 29.20 -17.37 3.17
C GLN B 66 28.51 -16.22 2.46
N ALA B 67 27.17 -16.17 2.60
CA ALA B 67 26.37 -15.18 1.91
C ALA B 67 26.55 -13.80 2.54
N CYS B 68 26.73 -13.78 3.87
CA CYS B 68 27.08 -12.54 4.53
C CYS B 68 28.52 -12.18 4.18
N GLN B 69 29.34 -13.24 4.03
CA GLN B 69 30.79 -13.12 3.96
C GLN B 69 31.18 -12.52 2.60
N ILE B 70 30.44 -12.90 1.56
CA ILE B 70 30.73 -12.37 0.23
C ILE B 70 30.43 -10.87 0.22
N CYS B 71 29.38 -10.47 0.94
CA CYS B 71 28.98 -9.07 1.01
C CYS B 71 30.04 -8.27 1.78
N ILE B 72 30.44 -8.80 2.94
CA ILE B 72 31.38 -8.13 3.82
C ILE B 72 32.75 -8.05 3.16
N THR B 73 33.13 -9.09 2.40
CA THR B 73 34.43 -9.11 1.72
C THR B 73 34.41 -8.12 0.56
N TYR B 74 33.24 -7.91 -0.07
CA TYR B 74 33.11 -6.90 -1.09
C TYR B 74 33.22 -5.51 -0.47
N ILE B 75 32.75 -5.39 0.78
CA ILE B 75 32.83 -4.14 1.52
C ILE B 75 34.30 -3.85 1.85
N CYS B 76 35.10 -4.91 2.06
CA CYS B 76 36.50 -4.82 2.46
C CYS B 76 37.39 -4.02 1.50
N GLU B 77 37.12 -4.08 0.20
CA GLU B 77 38.01 -3.46 -0.76
C GLU B 77 37.76 -1.96 -0.85
N GLU B 78 36.81 -1.42 -0.07
CA GLU B 78 36.63 0.02 -0.02
C GLU B 78 36.90 0.56 1.38
N ASP B 79 36.61 1.86 1.57
CA ASP B 79 36.61 2.48 2.90
C ASP B 79 35.39 1.99 3.67
N SER B 80 35.63 1.02 4.56
CA SER B 80 34.59 0.46 5.41
C SER B 80 34.59 1.26 6.70
N TYR B 81 34.02 2.47 6.62
CA TYR B 81 33.63 3.20 7.82
C TYR B 81 32.53 2.44 8.57
N LEU B 82 32.00 1.40 7.92
CA LEU B 82 31.06 0.44 8.47
C LEU B 82 31.69 -0.38 9.59
N ALA B 83 33.01 -0.27 9.75
CA ALA B 83 33.75 -0.89 10.84
C ALA B 83 33.76 -2.42 10.68
N GLY B 84 34.06 -2.85 9.46
CA GLY B 84 34.03 -4.24 9.06
C GLY B 84 35.21 -5.08 9.53
N THR B 85 36.17 -4.48 10.25
CA THR B 85 37.40 -5.10 10.73
C THR B 85 37.86 -6.25 9.79
N ALA C 1 -6.53 -26.19 -28.29
CA ALA C 1 -5.56 -25.13 -28.74
C ALA C 1 -5.60 -23.96 -27.77
N ASP C 2 -6.81 -23.42 -27.55
CA ASP C 2 -7.08 -22.41 -26.54
C ASP C 2 -6.71 -22.89 -25.13
N LYS C 3 -7.06 -24.13 -24.79
CA LYS C 3 -6.73 -24.71 -23.49
C LYS C 3 -5.22 -24.76 -23.27
N VAL C 4 -4.45 -25.10 -24.32
CA VAL C 4 -3.00 -25.22 -24.24
C VAL C 4 -2.40 -23.84 -24.04
N LEU C 5 -2.97 -22.85 -24.71
CA LEU C 5 -2.57 -21.45 -24.58
C LEU C 5 -2.83 -21.01 -23.13
N LYS C 6 -3.92 -21.51 -22.53
CA LYS C 6 -4.31 -21.15 -21.18
C LYS C 6 -3.36 -21.70 -20.11
N GLU C 7 -2.70 -22.81 -20.43
CA GLU C 7 -1.68 -23.39 -19.56
C GLU C 7 -0.29 -23.00 -20.05
N LYS C 8 0.18 -23.63 -21.15
CA LYS C 8 1.53 -23.43 -21.65
C LYS C 8 2.46 -23.43 -20.44
N ARG C 9 3.19 -22.34 -20.22
CA ARG C 9 3.82 -22.15 -18.94
C ARG C 9 3.87 -20.67 -18.61
N LYS C 10 4.45 -20.38 -17.43
CA LYS C 10 4.64 -19.01 -16.98
C LYS C 10 6.13 -18.70 -17.04
N LEU C 11 6.95 -19.64 -16.58
CA LEU C 11 8.39 -19.46 -16.49
C LEU C 11 8.96 -19.08 -17.85
N PHE C 12 8.35 -19.60 -18.92
CA PHE C 12 8.75 -19.25 -20.28
C PHE C 12 8.27 -17.86 -20.68
N ILE C 13 7.06 -17.49 -20.28
CA ILE C 13 6.58 -16.14 -20.49
C ILE C 13 7.26 -15.18 -19.51
N ARG C 14 7.85 -15.72 -18.44
CA ARG C 14 8.55 -14.92 -17.45
C ARG C 14 9.91 -14.51 -17.99
N SER C 15 10.35 -15.18 -19.06
CA SER C 15 11.69 -14.96 -19.58
C SER C 15 11.60 -13.99 -20.76
N MET C 16 10.94 -12.85 -20.49
CA MET C 16 10.73 -11.81 -21.48
C MET C 16 11.35 -10.50 -21.00
N GLY C 17 11.12 -9.42 -21.77
CA GLY C 17 11.64 -8.11 -21.45
C GLY C 17 10.71 -6.99 -21.89
N GLU C 18 11.15 -5.75 -21.67
CA GLU C 18 10.49 -4.57 -22.18
C GLU C 18 10.61 -4.57 -23.70
N TRP C 19 9.89 -3.67 -24.39
CA TRP C 19 9.90 -3.60 -25.84
C TRP C 19 9.10 -4.75 -26.49
N THR C 20 8.44 -5.56 -25.66
CA THR C 20 7.44 -6.54 -26.07
C THR C 20 6.21 -6.39 -25.16
N ILE C 21 6.48 -6.29 -23.86
CA ILE C 21 5.47 -6.10 -22.83
C ILE C 21 4.71 -4.80 -23.09
N ASN C 22 5.43 -3.73 -23.40
CA ASN C 22 4.81 -2.45 -23.64
C ASN C 22 3.84 -2.54 -24.81
N GLY C 23 4.32 -3.14 -25.91
CA GLY C 23 3.50 -3.31 -27.10
C GLY C 23 2.32 -4.26 -26.87
N LEU C 24 2.47 -5.24 -25.96
CA LEU C 24 1.41 -6.16 -25.62
C LEU C 24 0.25 -5.42 -24.94
N LEU C 25 0.59 -4.57 -23.97
CA LEU C 25 -0.42 -3.85 -23.20
C LEU C 25 -1.14 -2.82 -24.07
N ASP C 26 -0.43 -2.26 -25.06
CA ASP C 26 -0.99 -1.32 -25.99
C ASP C 26 -2.12 -1.97 -26.79
N GLU C 27 -1.87 -3.21 -27.23
CA GLU C 27 -2.81 -3.93 -28.07
C GLU C 27 -3.99 -4.45 -27.24
N LEU C 28 -3.70 -4.88 -26.00
CA LEU C 28 -4.73 -5.43 -25.13
C LEU C 28 -5.72 -4.34 -24.71
N LEU C 29 -5.25 -3.09 -24.63
CA LEU C 29 -6.13 -1.96 -24.40
C LEU C 29 -6.98 -1.69 -25.65
N GLN C 30 -6.31 -1.66 -26.80
CA GLN C 30 -6.96 -1.21 -28.03
C GLN C 30 -7.89 -2.29 -28.56
N THR C 31 -7.67 -3.56 -28.17
CA THR C 31 -8.55 -4.63 -28.60
C THR C 31 -9.70 -4.80 -27.62
N ARG C 32 -9.86 -3.83 -26.70
CA ARG C 32 -10.97 -3.73 -25.77
C ARG C 32 -11.04 -4.93 -24.80
N VAL C 33 -9.97 -5.73 -24.74
CA VAL C 33 -9.97 -6.93 -23.90
C VAL C 33 -9.92 -6.52 -22.44
N LEU C 34 -8.93 -5.68 -22.09
CA LEU C 34 -8.94 -5.01 -20.80
C LEU C 34 -9.25 -3.54 -21.04
N ASN C 35 -9.98 -2.92 -20.11
CA ASN C 35 -10.27 -1.50 -20.15
C ASN C 35 -9.06 -0.71 -19.68
N LYS C 36 -9.23 0.61 -19.53
CA LYS C 36 -8.18 1.50 -19.06
C LYS C 36 -7.70 1.05 -17.69
N GLU C 37 -8.64 0.56 -16.85
CA GLU C 37 -8.40 0.18 -15.47
C GLU C 37 -7.35 -0.91 -15.35
N GLU C 38 -7.46 -1.99 -16.14
CA GLU C 38 -6.50 -3.08 -16.07
C GLU C 38 -5.16 -2.65 -16.62
N MET C 39 -5.17 -1.81 -17.67
CA MET C 39 -3.95 -1.24 -18.20
C MET C 39 -3.28 -0.40 -17.11
N GLU C 40 -4.08 0.40 -16.39
CA GLU C 40 -3.55 1.23 -15.34
C GLU C 40 -3.08 0.38 -14.17
N LYS C 41 -3.87 -0.66 -13.87
CA LYS C 41 -3.61 -1.56 -12.75
C LYS C 41 -2.31 -2.32 -12.97
N VAL C 42 -2.09 -2.77 -14.21
CA VAL C 42 -0.87 -3.49 -14.53
C VAL C 42 0.32 -2.53 -14.53
N LYS C 43 0.15 -1.33 -15.10
CA LYS C 43 1.34 -0.51 -15.32
C LYS C 43 1.69 0.25 -14.04
N ARG C 44 0.75 0.38 -13.10
CA ARG C 44 0.96 1.28 -11.97
C ARG C 44 1.25 0.48 -10.71
N GLU C 45 0.39 -0.51 -10.44
CA GLU C 45 0.52 -1.31 -9.23
C GLU C 45 1.68 -2.29 -9.40
N ASN C 46 1.67 -3.06 -10.49
CA ASN C 46 2.66 -4.10 -10.72
C ASN C 46 3.90 -3.49 -11.34
N ALA C 47 4.82 -3.01 -10.48
CA ALA C 47 6.04 -2.35 -10.93
C ALA C 47 7.03 -3.36 -11.49
N THR C 48 7.42 -4.34 -10.67
CA THR C 48 8.37 -5.38 -11.03
C THR C 48 7.96 -6.00 -12.37
N VAL C 49 8.81 -5.84 -13.38
CA VAL C 49 8.59 -6.33 -14.75
C VAL C 49 7.98 -7.73 -14.71
N MET C 50 8.58 -8.60 -13.89
CA MET C 50 7.99 -9.89 -13.63
C MET C 50 6.59 -9.71 -13.06
N ASP C 51 6.44 -8.92 -11.99
CA ASP C 51 5.10 -8.81 -11.44
C ASP C 51 4.12 -8.34 -12.51
N LYS C 52 4.62 -7.47 -13.40
CA LYS C 52 3.80 -6.93 -14.47
C LYS C 52 3.36 -8.07 -15.37
N THR C 53 4.29 -8.96 -15.69
CA THR C 53 4.05 -10.07 -16.60
C THR C 53 3.10 -11.07 -15.95
N ARG C 54 3.22 -11.28 -14.63
CA ARG C 54 2.30 -12.19 -13.96
C ARG C 54 0.90 -11.60 -13.92
N ALA C 55 0.84 -10.26 -13.99
CA ALA C 55 -0.42 -9.54 -14.04
C ALA C 55 -1.09 -9.71 -15.40
N LEU C 56 -0.32 -9.59 -16.50
CA LEU C 56 -0.83 -9.90 -17.81
C LEU C 56 -1.23 -11.36 -17.89
N ILE C 57 -0.55 -12.22 -17.15
CA ILE C 57 -0.91 -13.63 -17.10
C ILE C 57 -2.22 -13.80 -16.33
N ASP C 58 -2.52 -12.82 -15.45
CA ASP C 58 -3.83 -12.81 -14.83
C ASP C 58 -4.87 -12.23 -15.77
N SER C 59 -4.41 -11.66 -16.89
CA SER C 59 -5.26 -11.28 -18.02
C SER C 59 -5.20 -12.40 -19.07
N VAL C 60 -5.05 -13.64 -18.58
CA VAL C 60 -5.35 -14.83 -19.34
C VAL C 60 -6.83 -14.78 -19.72
N ILE C 61 -7.58 -13.83 -19.15
CA ILE C 61 -9.01 -13.67 -19.34
C ILE C 61 -9.65 -15.05 -19.21
N PRO C 62 -9.75 -15.61 -17.98
CA PRO C 62 -10.21 -16.99 -17.79
C PRO C 62 -11.48 -17.35 -18.55
N LYS C 63 -11.39 -18.40 -19.38
CA LYS C 63 -12.36 -18.74 -20.41
C LYS C 63 -12.84 -17.49 -21.15
N GLY C 64 -11.90 -16.58 -21.34
CA GLY C 64 -12.06 -15.47 -22.25
C GLY C 64 -10.87 -15.47 -23.20
N ALA C 65 -10.22 -16.64 -23.30
CA ALA C 65 -8.89 -16.73 -23.85
C ALA C 65 -8.93 -17.05 -25.35
N GLN C 66 -10.03 -16.70 -26.02
CA GLN C 66 -10.04 -16.55 -27.46
C GLN C 66 -9.40 -15.20 -27.83
N ALA C 67 -9.38 -14.28 -26.88
CA ALA C 67 -8.67 -13.02 -27.04
C ALA C 67 -7.16 -13.21 -26.90
N CYS C 68 -6.74 -14.29 -26.24
CA CYS C 68 -5.35 -14.57 -26.01
C CYS C 68 -4.71 -15.07 -27.31
N GLN C 69 -5.46 -15.40 -28.36
CA GLN C 69 -4.77 -15.49 -29.65
C GLN C 69 -4.44 -14.12 -30.20
N ILE C 70 -4.96 -13.01 -29.63
CA ILE C 70 -4.37 -11.71 -29.95
C ILE C 70 -2.96 -11.63 -29.37
N CYS C 71 -2.77 -12.22 -28.18
CA CYS C 71 -1.47 -12.23 -27.53
C CYS C 71 -0.52 -13.13 -28.31
N ILE C 72 -0.99 -14.33 -28.67
CA ILE C 72 -0.20 -15.32 -29.38
C ILE C 72 0.19 -14.79 -30.76
N THR C 73 -0.73 -14.08 -31.42
CA THR C 73 -0.48 -13.54 -32.75
C THR C 73 0.53 -12.39 -32.66
N TYR C 74 0.50 -11.65 -31.55
CA TYR C 74 1.49 -10.61 -31.32
C TYR C 74 2.85 -11.25 -31.06
N ILE C 75 2.86 -12.43 -30.46
CA ILE C 75 4.09 -13.18 -30.23
C ILE C 75 4.62 -13.67 -31.58
N CYS C 76 3.71 -14.04 -32.49
CA CYS C 76 4.05 -14.48 -33.84
C CYS C 76 4.64 -13.33 -34.66
N GLU C 77 4.17 -12.09 -34.39
CA GLU C 77 4.64 -10.90 -35.10
C GLU C 77 6.12 -10.66 -34.75
N GLU C 78 6.52 -11.08 -33.56
CA GLU C 78 7.87 -10.83 -33.05
C GLU C 78 8.57 -12.18 -32.82
N ASP C 79 9.76 -12.08 -32.21
CA ASP C 79 10.66 -13.19 -31.98
C ASP C 79 10.11 -14.07 -30.87
N SER C 80 9.55 -15.20 -31.28
CA SER C 80 9.01 -16.21 -30.36
C SER C 80 10.07 -17.21 -29.85
N TYR C 81 10.34 -17.18 -28.54
CA TYR C 81 11.36 -18.01 -27.93
C TYR C 81 10.72 -19.24 -27.30
N LEU C 82 9.40 -19.19 -27.13
CA LEU C 82 8.63 -20.27 -26.53
C LEU C 82 8.47 -21.39 -27.55
N ALA C 83 8.46 -22.64 -27.06
CA ALA C 83 8.18 -23.82 -27.87
C ALA C 83 6.72 -23.82 -28.30
N GLY C 84 5.82 -23.53 -27.35
CA GLY C 84 4.43 -23.23 -27.65
C GLY C 84 4.25 -21.75 -28.02
N THR C 85 4.78 -21.36 -29.19
CA THR C 85 4.71 -20.01 -29.73
C THR C 85 3.46 -19.25 -29.24
N ALA D 1 -28.39 18.16 -0.77
CA ALA D 1 -28.28 19.36 -1.62
C ALA D 1 -27.12 19.22 -2.60
N ASP D 2 -26.26 18.22 -2.41
CA ASP D 2 -25.05 18.03 -3.17
C ASP D 2 -24.79 16.54 -3.31
N LYS D 3 -25.44 15.72 -2.45
CA LYS D 3 -25.20 14.29 -2.44
C LYS D 3 -25.53 13.71 -3.80
N VAL D 4 -26.69 14.11 -4.34
CA VAL D 4 -27.19 13.57 -5.59
C VAL D 4 -26.26 13.96 -6.75
N LEU D 5 -25.66 15.15 -6.64
CA LEU D 5 -24.71 15.64 -7.64
C LEU D 5 -23.59 14.62 -7.89
N LYS D 6 -23.42 13.70 -6.94
CA LYS D 6 -22.47 12.61 -7.07
C LYS D 6 -23.13 11.24 -6.92
N GLU D 7 -24.22 11.17 -6.15
CA GLU D 7 -24.97 9.92 -6.05
C GLU D 7 -25.31 9.40 -7.45
N LYS D 8 -25.58 10.35 -8.36
CA LYS D 8 -25.88 10.08 -9.76
C LYS D 8 -24.69 10.38 -10.66
N ARG D 9 -23.59 10.93 -10.11
CA ARG D 9 -22.39 11.19 -10.88
C ARG D 9 -21.17 10.46 -10.31
N LYS D 10 -21.39 9.24 -9.81
CA LYS D 10 -20.37 8.51 -9.10
C LYS D 10 -19.35 7.93 -10.07
N LEU D 11 -19.81 7.02 -10.93
CA LEU D 11 -19.00 6.33 -11.92
C LEU D 11 -18.35 7.35 -12.84
N PHE D 12 -18.95 8.54 -12.94
CA PHE D 12 -18.35 9.62 -13.71
C PHE D 12 -16.94 9.97 -13.21
N ILE D 13 -16.74 9.83 -11.90
CA ILE D 13 -15.46 10.17 -11.30
C ILE D 13 -14.45 9.04 -11.58
N ARG D 14 -14.92 7.95 -12.20
CA ARG D 14 -14.04 6.88 -12.64
C ARG D 14 -13.37 7.25 -13.95
N SER D 15 -13.77 8.39 -14.55
CA SER D 15 -13.13 8.91 -15.74
C SER D 15 -12.25 10.11 -15.40
N MET D 16 -12.53 10.78 -14.28
CA MET D 16 -11.72 11.89 -13.82
C MET D 16 -10.32 11.37 -13.49
N GLY D 17 -9.27 12.00 -14.05
CA GLY D 17 -7.91 11.50 -13.95
C GLY D 17 -6.89 12.63 -13.83
N GLU D 18 -5.62 12.33 -14.13
CA GLU D 18 -4.53 13.30 -14.23
C GLU D 18 -4.13 13.82 -12.84
N TRP D 19 -3.11 14.68 -12.78
CA TRP D 19 -2.70 15.39 -11.58
C TRP D 19 -3.78 16.35 -11.08
N THR D 20 -4.84 16.59 -11.85
CA THR D 20 -6.05 17.18 -11.31
C THR D 20 -6.58 16.36 -10.14
N ILE D 21 -6.21 15.07 -10.06
CA ILE D 21 -6.72 14.20 -9.01
C ILE D 21 -6.08 14.56 -7.68
N ASN D 22 -4.75 14.64 -7.66
CA ASN D 22 -4.03 15.05 -6.45
C ASN D 22 -4.60 16.39 -6.02
N GLY D 23 -4.60 17.34 -6.95
CA GLY D 23 -5.11 18.68 -6.69
C GLY D 23 -6.53 18.68 -6.11
N LEU D 24 -7.36 17.76 -6.62
CA LEU D 24 -8.75 17.60 -6.19
C LEU D 24 -8.77 17.26 -4.70
N LEU D 25 -7.76 16.49 -4.25
CA LEU D 25 -7.77 16.02 -2.88
C LEU D 25 -6.95 16.90 -1.94
N ASP D 26 -6.05 17.74 -2.48
CA ASP D 26 -5.26 18.60 -1.61
C ASP D 26 -5.95 19.91 -1.32
N GLU D 27 -7.11 20.16 -1.94
CA GLU D 27 -7.93 21.27 -1.48
C GLU D 27 -8.75 20.85 -0.27
N LEU D 28 -9.20 19.58 -0.26
CA LEU D 28 -10.04 19.06 0.80
C LEU D 28 -9.26 18.98 2.11
N LEU D 29 -7.93 18.81 2.01
CA LEU D 29 -7.02 18.80 3.13
C LEU D 29 -6.99 20.16 3.82
N GLN D 30 -6.91 21.24 3.03
CA GLN D 30 -6.81 22.59 3.60
C GLN D 30 -8.01 22.87 4.52
N THR D 31 -9.19 22.60 3.96
CA THR D 31 -10.43 22.57 4.73
C THR D 31 -10.45 21.25 5.52
N ARG D 32 -11.42 21.09 6.41
CA ARG D 32 -11.33 19.95 7.32
C ARG D 32 -11.93 18.69 6.70
N VAL D 33 -12.05 18.66 5.37
CA VAL D 33 -12.78 17.62 4.66
C VAL D 33 -12.04 16.30 4.81
N LEU D 34 -10.72 16.33 4.60
CA LEU D 34 -9.86 15.18 4.79
C LEU D 34 -8.82 15.52 5.86
N ASN D 35 -8.49 14.54 6.71
CA ASN D 35 -7.41 14.67 7.67
C ASN D 35 -6.06 14.57 6.96
N LYS D 36 -4.96 14.82 7.65
CA LYS D 36 -3.64 14.56 7.06
C LYS D 36 -3.50 13.06 6.81
N GLU D 37 -4.00 12.27 7.76
CA GLU D 37 -3.86 10.82 7.77
C GLU D 37 -4.65 10.21 6.61
N GLU D 38 -5.87 10.69 6.37
CA GLU D 38 -6.73 10.22 5.31
C GLU D 38 -6.15 10.64 3.95
N MET D 39 -5.57 11.85 3.89
CA MET D 39 -4.88 12.32 2.71
C MET D 39 -3.69 11.39 2.42
N GLU D 40 -2.97 11.03 3.48
CA GLU D 40 -1.83 10.11 3.40
C GLU D 40 -2.30 8.73 2.92
N LYS D 41 -3.46 8.28 3.44
CA LYS D 41 -4.01 6.97 3.12
C LYS D 41 -4.40 6.89 1.66
N VAL D 42 -5.02 7.97 1.14
CA VAL D 42 -5.41 8.00 -0.27
C VAL D 42 -4.16 8.04 -1.17
N LYS D 43 -3.15 8.79 -0.75
CA LYS D 43 -1.94 8.92 -1.57
C LYS D 43 -1.13 7.64 -1.55
N ARG D 44 -1.21 6.87 -0.47
CA ARG D 44 -0.41 5.66 -0.34
C ARG D 44 -1.05 4.48 -1.07
N GLU D 45 -2.32 4.62 -1.47
CA GLU D 45 -2.94 3.71 -2.42
C GLU D 45 -2.27 3.91 -3.79
N ASN D 46 -2.18 2.86 -4.59
CA ASN D 46 -1.28 2.83 -5.75
C ASN D 46 -1.98 2.67 -7.10
N ALA D 47 -3.26 3.05 -7.23
CA ALA D 47 -3.87 3.04 -8.56
C ALA D 47 -3.47 4.34 -9.26
N THR D 48 -3.47 4.37 -10.61
CA THR D 48 -3.36 5.63 -11.31
C THR D 48 -4.76 6.23 -11.41
N VAL D 49 -5.07 7.24 -10.61
CA VAL D 49 -6.26 8.06 -10.71
C VAL D 49 -7.54 7.24 -10.82
N MET D 50 -7.63 6.12 -10.06
CA MET D 50 -8.83 5.28 -10.09
C MET D 50 -9.35 5.00 -8.68
N ASP D 51 -8.61 4.21 -7.90
CA ASP D 51 -8.96 3.98 -6.51
C ASP D 51 -8.81 5.31 -5.76
N LYS D 52 -7.87 6.17 -6.20
CA LYS D 52 -7.75 7.50 -5.61
C LYS D 52 -9.14 8.13 -5.52
N THR D 53 -9.81 8.13 -6.67
CA THR D 53 -11.06 8.84 -6.86
C THR D 53 -12.16 8.20 -6.01
N ARG D 54 -12.10 6.88 -5.85
CA ARG D 54 -13.06 6.13 -5.08
C ARG D 54 -12.82 6.33 -3.59
N ALA D 55 -11.59 6.71 -3.22
CA ALA D 55 -11.26 6.99 -1.83
C ALA D 55 -11.87 8.32 -1.40
N LEU D 56 -11.70 9.35 -2.25
CA LEU D 56 -12.34 10.63 -2.04
C LEU D 56 -13.86 10.44 -2.07
N ILE D 57 -14.30 9.52 -2.90
CA ILE D 57 -15.73 9.25 -3.01
C ILE D 57 -16.19 8.49 -1.77
N ASP D 58 -15.26 7.87 -1.05
CA ASP D 58 -15.61 7.26 0.23
C ASP D 58 -15.69 8.32 1.31
N SER D 59 -15.20 9.52 0.99
CA SER D 59 -15.21 10.64 1.94
C SER D 59 -16.39 11.57 1.64
N VAL D 60 -17.39 11.08 0.91
CA VAL D 60 -18.61 11.82 0.60
C VAL D 60 -19.74 11.30 1.48
N ILE D 61 -19.50 10.21 2.22
CA ILE D 61 -20.44 9.75 3.23
C ILE D 61 -20.83 10.88 4.19
N PRO D 62 -19.87 11.70 4.63
CA PRO D 62 -20.11 12.96 5.36
C PRO D 62 -21.14 13.75 4.56
N LYS D 63 -22.22 14.18 5.21
CA LYS D 63 -23.12 15.12 4.55
C LYS D 63 -22.21 16.17 3.94
N GLY D 64 -22.19 16.29 2.62
CA GLY D 64 -21.19 17.17 2.05
C GLY D 64 -21.75 18.57 2.05
N ALA D 65 -22.33 18.98 3.18
CA ALA D 65 -23.05 20.24 3.16
C ALA D 65 -22.18 21.34 2.56
N GLN D 66 -20.92 21.40 2.98
CA GLN D 66 -19.92 22.29 2.40
C GLN D 66 -18.70 21.49 2.00
N ALA D 67 -18.82 20.16 2.03
CA ALA D 67 -17.72 19.27 1.69
C ALA D 67 -17.97 18.76 0.27
N CYS D 68 -19.09 18.05 0.09
CA CYS D 68 -19.41 17.52 -1.22
C CYS D 68 -19.25 18.64 -2.26
N GLN D 69 -19.60 19.86 -1.82
CA GLN D 69 -19.66 21.01 -2.70
C GLN D 69 -18.26 21.53 -2.96
N ILE D 70 -17.38 21.48 -1.96
CA ILE D 70 -16.05 22.05 -2.12
C ILE D 70 -15.29 21.30 -3.21
N CYS D 71 -15.57 19.99 -3.32
CA CYS D 71 -15.19 19.17 -4.45
C CYS D 71 -15.80 19.71 -5.74
N ILE D 72 -17.09 20.06 -5.74
CA ILE D 72 -17.77 20.46 -6.96
C ILE D 72 -17.19 21.76 -7.51
N THR D 73 -16.80 22.67 -6.60
CA THR D 73 -16.23 23.94 -7.03
C THR D 73 -14.85 23.74 -7.66
N TYR D 74 -14.11 22.76 -7.14
CA TYR D 74 -12.82 22.40 -7.73
C TYR D 74 -13.03 21.76 -9.09
N ILE D 75 -14.14 21.03 -9.24
CA ILE D 75 -14.52 20.41 -10.50
C ILE D 75 -14.87 21.50 -11.50
N CYS D 76 -15.49 22.59 -11.01
CA CYS D 76 -15.91 23.74 -11.81
C CYS D 76 -14.69 24.51 -12.31
N GLU D 77 -13.62 24.59 -11.49
CA GLU D 77 -12.43 25.32 -11.91
C GLU D 77 -11.61 24.49 -12.91
N GLU D 78 -12.04 23.26 -13.18
CA GLU D 78 -11.45 22.38 -14.20
C GLU D 78 -12.50 22.18 -15.30
N ASP D 79 -12.02 21.79 -16.50
CA ASP D 79 -12.89 21.53 -17.63
C ASP D 79 -13.60 20.19 -17.40
N SER D 80 -14.83 20.27 -16.89
CA SER D 80 -15.62 19.11 -16.50
C SER D 80 -16.53 18.80 -17.67
N TYR D 81 -15.97 18.05 -18.62
CA TYR D 81 -16.73 17.61 -19.79
C TYR D 81 -17.81 16.62 -19.37
N LEU D 82 -17.66 16.07 -18.16
CA LEU D 82 -18.63 15.12 -17.63
C LEU D 82 -19.81 15.91 -17.07
N ALA D 83 -19.50 17.07 -16.48
CA ALA D 83 -20.52 17.96 -15.93
C ALA D 83 -21.26 18.61 -17.09
N GLY D 84 -20.51 19.00 -18.14
CA GLY D 84 -21.02 19.61 -19.35
C GLY D 84 -22.05 18.77 -20.12
N THR D 85 -21.89 17.44 -20.06
CA THR D 85 -22.72 16.49 -20.80
C THR D 85 -24.17 16.97 -20.95
N HIS E 1 -25.81 12.57 25.77
CA HIS E 1 -26.82 11.78 24.99
C HIS E 1 -26.59 11.98 23.49
N PHE E 2 -25.65 12.85 23.13
CA PHE E 2 -25.37 13.22 21.75
C PHE E 2 -25.11 11.97 20.90
N ILE E 3 -24.40 11.03 21.53
CA ILE E 3 -24.03 9.78 20.88
C ILE E 3 -25.27 8.91 20.75
N ASP E 4 -26.03 8.74 21.84
CA ASP E 4 -27.20 7.86 21.82
C ASP E 4 -28.26 8.44 20.88
N GLN E 5 -28.12 9.71 20.47
CA GLN E 5 -29.06 10.36 19.57
C GLN E 5 -28.63 10.14 18.12
N HIS E 6 -27.35 9.88 17.88
CA HIS E 6 -26.83 9.81 16.53
C HIS E 6 -26.06 8.51 16.24
N ARG E 7 -26.29 7.48 17.02
CA ARG E 7 -25.39 6.32 17.05
C ARG E 7 -25.42 5.60 15.71
N ALA E 8 -26.62 5.55 15.11
CA ALA E 8 -26.84 4.85 13.85
C ALA E 8 -26.13 5.59 12.71
N ALA E 9 -26.19 6.91 12.76
CA ALA E 9 -25.60 7.73 11.72
C ALA E 9 -24.09 7.59 11.79
N LEU E 10 -23.52 7.90 12.97
CA LEU E 10 -22.06 8.01 13.02
C LEU E 10 -21.41 6.64 12.94
N ILE E 11 -22.12 5.54 13.28
CA ILE E 11 -21.60 4.20 13.05
C ILE E 11 -21.28 4.01 11.56
N ALA E 12 -22.06 4.69 10.72
CA ALA E 12 -22.01 4.42 9.29
C ALA E 12 -21.47 5.62 8.51
N ARG E 13 -21.05 6.69 9.21
CA ARG E 13 -20.72 7.94 8.54
C ARG E 13 -19.24 8.29 8.60
N VAL E 14 -18.62 8.16 9.78
CA VAL E 14 -17.21 8.48 9.94
C VAL E 14 -16.34 7.29 9.52
N THR E 15 -15.20 7.61 8.89
CA THR E 15 -14.38 6.61 8.25
C THR E 15 -13.15 6.25 9.10
N ASN E 16 -12.68 7.23 9.87
CA ASN E 16 -11.37 7.18 10.51
C ASN E 16 -11.52 6.57 11.90
N VAL E 17 -11.98 5.31 11.98
CA VAL E 17 -12.17 4.64 13.26
C VAL E 17 -10.84 4.59 14.04
N GLU E 18 -9.76 4.42 13.29
CA GLU E 18 -8.44 4.23 13.87
C GLU E 18 -7.97 5.52 14.54
N TRP E 19 -8.24 6.67 13.92
CA TRP E 19 -7.91 7.96 14.50
C TRP E 19 -8.66 8.15 15.81
N LEU E 20 -9.99 7.91 15.79
CA LEU E 20 -10.81 8.02 16.98
C LEU E 20 -10.26 7.10 18.06
N LEU E 21 -9.72 5.96 17.62
CA LEU E 21 -9.25 4.96 18.55
C LEU E 21 -8.11 5.50 19.39
N ASP E 22 -7.34 6.46 18.86
CA ASP E 22 -6.12 6.88 19.55
C ASP E 22 -6.43 7.50 20.91
N ALA E 23 -7.43 8.37 20.93
CA ALA E 23 -7.85 9.08 22.13
C ALA E 23 -8.37 8.10 23.17
N LEU E 24 -9.12 7.11 22.71
CA LEU E 24 -9.73 6.10 23.55
C LEU E 24 -8.65 5.22 24.19
N TYR E 25 -7.61 4.93 23.43
CA TYR E 25 -6.52 4.10 23.94
C TYR E 25 -5.94 4.77 25.18
N GLY E 26 -5.78 6.09 25.11
CA GLY E 26 -5.16 6.86 26.16
C GLY E 26 -5.98 6.89 27.44
N LYS E 27 -7.31 6.89 27.32
CA LYS E 27 -8.20 7.13 28.45
C LYS E 27 -8.81 5.82 28.92
N VAL E 28 -9.39 5.04 27.99
CA VAL E 28 -10.33 3.99 28.35
C VAL E 28 -9.95 2.67 27.69
N LEU E 29 -9.68 2.70 26.38
CA LEU E 29 -9.42 1.50 25.61
C LEU E 29 -8.06 0.94 25.99
N THR E 30 -8.08 -0.32 26.44
CA THR E 30 -6.89 -1.12 26.59
C THR E 30 -6.50 -1.65 25.21
N ASP E 31 -5.27 -2.18 25.14
CA ASP E 31 -4.67 -2.62 23.90
C ASP E 31 -5.47 -3.75 23.28
N GLU E 32 -6.06 -4.62 24.11
CA GLU E 32 -6.84 -5.74 23.60
C GLU E 32 -8.05 -5.23 22.82
N GLN E 33 -8.68 -4.18 23.35
CA GLN E 33 -9.87 -3.61 22.76
C GLN E 33 -9.52 -2.91 21.45
N TYR E 34 -8.36 -2.22 21.47
CA TYR E 34 -7.81 -1.54 20.31
C TYR E 34 -7.66 -2.52 19.15
N GLN E 35 -6.99 -3.65 19.41
CA GLN E 35 -6.69 -4.64 18.40
C GLN E 35 -7.99 -5.24 17.87
N ALA E 36 -8.94 -5.50 18.78
CA ALA E 36 -10.23 -6.08 18.45
C ALA E 36 -10.95 -5.22 17.41
N VAL E 37 -11.04 -3.92 17.68
CA VAL E 37 -11.74 -3.00 16.81
C VAL E 37 -11.04 -2.91 15.46
N ARG E 38 -9.70 -2.95 15.47
CA ARG E 38 -8.90 -2.80 14.27
C ARG E 38 -9.06 -4.00 13.36
N ALA E 39 -9.38 -5.17 13.92
CA ALA E 39 -9.37 -6.43 13.19
C ALA E 39 -10.60 -6.53 12.31
N GLU E 40 -11.57 -5.63 12.48
CA GLU E 40 -12.71 -5.59 11.55
C GLU E 40 -12.32 -4.90 10.25
N PRO E 41 -12.57 -5.50 9.06
CA PRO E 41 -12.14 -4.91 7.79
C PRO E 41 -12.88 -3.66 7.37
N THR E 42 -14.21 -3.63 7.60
CA THR E 42 -15.06 -2.58 7.05
C THR E 42 -15.38 -1.49 8.07
N ASN E 43 -15.27 -0.22 7.65
CA ASN E 43 -15.27 0.89 8.58
C ASN E 43 -16.58 0.98 9.34
N PRO E 44 -17.77 0.84 8.72
CA PRO E 44 -19.03 0.72 9.47
C PRO E 44 -19.07 -0.39 10.50
N SER E 45 -18.50 -1.55 10.19
CA SER E 45 -18.47 -2.64 11.16
C SER E 45 -17.42 -2.38 12.23
N LYS E 46 -16.36 -1.66 11.86
CA LYS E 46 -15.29 -1.32 12.80
C LYS E 46 -15.82 -0.37 13.86
N MET E 47 -16.68 0.56 13.45
CA MET E 47 -17.31 1.50 14.35
C MET E 47 -18.35 0.79 15.21
N ARG E 48 -19.00 -0.22 14.63
CA ARG E 48 -20.04 -0.96 15.32
C ARG E 48 -19.44 -1.71 16.50
N LYS E 49 -18.24 -2.28 16.32
CA LYS E 49 -17.54 -2.98 17.39
C LYS E 49 -16.99 -1.98 18.39
N LEU E 50 -16.68 -0.75 17.93
CA LEU E 50 -16.19 0.28 18.83
C LEU E 50 -17.30 0.71 19.80
N PHE E 51 -18.48 0.93 19.25
CA PHE E 51 -19.61 1.44 20.01
C PHE E 51 -20.22 0.32 20.83
N SER E 52 -19.91 -0.93 20.48
CA SER E 52 -20.30 -2.09 21.26
C SER E 52 -19.41 -2.23 22.49
N PHE E 53 -18.22 -1.62 22.45
CA PHE E 53 -17.34 -1.60 23.59
C PHE E 53 -17.67 -0.41 24.49
N THR E 54 -18.28 0.64 23.92
CA THR E 54 -18.60 1.84 24.70
C THR E 54 -20.08 2.22 24.60
N PRO E 55 -21.04 1.39 25.10
CA PRO E 55 -22.45 1.76 25.13
C PRO E 55 -22.95 1.94 26.56
N ALA E 56 -22.07 2.41 27.47
CA ALA E 56 -22.40 2.50 28.90
C ALA E 56 -22.64 3.95 29.32
N GLY E 57 -22.77 4.19 30.64
CA GLY E 57 -23.11 5.49 31.18
C GLY E 57 -21.88 6.35 31.46
N ASN E 58 -20.68 5.84 31.14
CA ASN E 58 -19.46 6.60 31.39
C ASN E 58 -19.46 7.88 30.54
N TRP E 59 -19.64 9.04 31.19
CA TRP E 59 -19.78 10.29 30.46
C TRP E 59 -18.44 10.81 30.02
N THR E 60 -17.38 10.54 30.78
CA THR E 60 -16.06 11.05 30.44
C THR E 60 -15.65 10.58 29.03
N CYS E 61 -15.75 9.26 28.81
CA CYS E 61 -15.38 8.65 27.55
C CYS E 61 -16.28 9.16 26.43
N LYS E 62 -17.56 9.34 26.73
CA LYS E 62 -18.55 9.83 25.78
C LYS E 62 -18.18 11.26 25.38
N ASP E 63 -17.87 12.06 26.41
CA ASP E 63 -17.58 13.48 26.24
C ASP E 63 -16.28 13.65 25.45
N LEU E 64 -15.28 12.80 25.75
CA LEU E 64 -14.01 12.93 25.06
C LEU E 64 -14.17 12.49 23.61
N LEU E 65 -15.08 11.54 23.34
CA LEU E 65 -15.41 11.11 22.00
C LEU E 65 -16.00 12.26 21.20
N LEU E 66 -16.83 13.10 21.81
CA LEU E 66 -17.41 14.25 21.11
C LEU E 66 -16.32 15.22 20.63
N GLN E 67 -15.37 15.51 21.53
CA GLN E 67 -14.26 16.40 21.21
C GLN E 67 -13.42 15.76 20.11
N ALA E 68 -13.25 14.43 20.20
CA ALA E 68 -12.53 13.68 19.19
C ALA E 68 -13.24 13.82 17.83
N LEU E 69 -14.56 13.72 17.83
CA LEU E 69 -15.37 13.86 16.63
C LEU E 69 -15.23 15.27 16.07
N ARG E 70 -15.17 16.27 16.95
CA ARG E 70 -14.98 17.65 16.55
C ARG E 70 -13.61 17.84 15.90
N GLU E 71 -12.61 17.09 16.39
CA GLU E 71 -11.23 17.20 15.91
C GLU E 71 -10.97 16.21 14.76
N SER E 72 -11.91 15.30 14.49
CA SER E 72 -11.78 14.27 13.48
C SER E 72 -11.99 14.79 12.07
N GLN E 73 -13.19 15.32 11.81
CA GLN E 73 -13.54 15.79 10.48
C GLN E 73 -13.96 17.26 10.47
N SER E 74 -14.61 17.73 11.56
CA SER E 74 -15.19 19.06 11.73
C SER E 74 -16.30 19.36 10.72
N TYR E 75 -16.77 18.34 10.00
CA TYR E 75 -17.73 18.57 8.94
C TYR E 75 -19.00 17.79 9.28
N LEU E 76 -18.81 16.53 9.64
CA LEU E 76 -19.93 15.68 10.01
C LEU E 76 -20.44 16.11 11.37
N VAL E 77 -19.59 16.72 12.20
CA VAL E 77 -19.98 17.14 13.54
C VAL E 77 -21.02 18.26 13.45
N GLU E 78 -20.85 19.17 12.50
CA GLU E 78 -21.84 20.22 12.32
C GLU E 78 -23.07 19.65 11.62
N ASP E 79 -22.84 18.73 10.69
CA ASP E 79 -23.89 18.18 9.85
C ASP E 79 -24.84 17.31 10.64
N LEU E 80 -24.38 16.79 11.78
CA LEU E 80 -25.22 15.98 12.62
C LEU E 80 -25.88 16.83 13.70
N GLU E 81 -25.31 18.00 14.01
CA GLU E 81 -25.94 18.97 14.89
C GLU E 81 -27.17 19.56 14.21
N ARG E 82 -27.05 19.80 12.89
CA ARG E 82 -28.14 20.32 12.07
C ARG E 82 -29.18 19.20 11.91
N HIS F 1 -31.47 -17.81 -15.79
CA HIS F 1 -30.45 -16.89 -16.37
C HIS F 1 -29.17 -17.66 -16.60
N PHE F 2 -28.40 -17.26 -17.64
CA PHE F 2 -27.08 -17.84 -17.84
C PHE F 2 -26.24 -17.51 -16.61
N ILE F 3 -26.35 -16.27 -16.11
CA ILE F 3 -25.49 -15.87 -15.00
C ILE F 3 -25.61 -16.85 -13.82
N ASP F 4 -26.85 -17.26 -13.52
CA ASP F 4 -27.09 -18.19 -12.44
C ASP F 4 -26.46 -19.55 -12.74
N GLN F 5 -26.42 -19.90 -14.04
CA GLN F 5 -25.81 -21.14 -14.49
C GLN F 5 -24.30 -21.07 -14.29
N HIS F 6 -23.72 -19.91 -14.63
CA HIS F 6 -22.28 -19.80 -14.84
C HIS F 6 -21.57 -19.05 -13.72
N ARG F 7 -22.23 -18.91 -12.57
CA ARG F 7 -21.68 -18.15 -11.46
C ARG F 7 -20.40 -18.77 -10.96
N ALA F 8 -20.26 -20.10 -11.06
CA ALA F 8 -19.06 -20.81 -10.63
C ALA F 8 -17.85 -20.40 -11.46
N ALA F 9 -18.05 -20.24 -12.76
CA ALA F 9 -17.07 -19.62 -13.65
C ALA F 9 -16.79 -18.20 -13.17
N LEU F 10 -17.86 -17.41 -12.99
CA LEU F 10 -17.69 -16.00 -12.67
C LEU F 10 -16.82 -15.77 -11.44
N ILE F 11 -17.04 -16.58 -10.37
CA ILE F 11 -16.28 -16.36 -9.14
C ILE F 11 -14.79 -16.58 -9.40
N ALA F 12 -14.48 -17.44 -10.38
CA ALA F 12 -13.10 -17.81 -10.59
C ALA F 12 -12.49 -17.08 -11.78
N ARG F 13 -13.27 -16.25 -12.47
CA ARG F 13 -12.86 -15.76 -13.77
C ARG F 13 -12.71 -14.25 -13.80
N VAL F 14 -13.69 -13.50 -13.27
CA VAL F 14 -13.82 -12.10 -13.62
C VAL F 14 -12.90 -11.27 -12.73
N THR F 15 -11.90 -10.62 -13.37
CA THR F 15 -10.76 -10.08 -12.64
C THR F 15 -10.87 -8.57 -12.48
N ASN F 16 -12.08 -8.01 -12.62
CA ASN F 16 -12.35 -6.59 -12.48
C ASN F 16 -13.54 -6.40 -11.56
N VAL F 17 -13.49 -7.05 -10.38
CA VAL F 17 -14.60 -7.05 -9.44
C VAL F 17 -14.92 -5.62 -9.02
N GLU F 18 -13.87 -4.79 -8.93
CA GLU F 18 -13.97 -3.42 -8.44
C GLU F 18 -14.83 -2.58 -9.39
N TRP F 19 -14.66 -2.74 -10.71
CA TRP F 19 -15.45 -2.00 -11.68
C TRP F 19 -16.92 -2.39 -11.51
N LEU F 20 -17.21 -3.69 -11.48
CA LEU F 20 -18.55 -4.18 -11.28
C LEU F 20 -19.13 -3.59 -9.99
N LEU F 21 -18.26 -3.44 -8.99
CA LEU F 21 -18.69 -2.96 -7.70
C LEU F 21 -19.25 -1.55 -7.82
N ASP F 22 -18.65 -0.79 -8.73
CA ASP F 22 -19.02 0.60 -8.96
C ASP F 22 -20.46 0.67 -9.44
N ALA F 23 -20.81 -0.18 -10.41
CA ALA F 23 -22.14 -0.12 -11.01
C ALA F 23 -23.19 -0.55 -9.98
N LEU F 24 -22.84 -1.49 -9.13
CA LEU F 24 -23.82 -2.03 -8.21
C LEU F 24 -24.02 -1.10 -7.02
N TYR F 25 -23.41 0.09 -7.00
CA TYR F 25 -23.49 0.90 -5.80
C TYR F 25 -24.89 1.46 -5.57
N GLY F 26 -25.02 2.76 -5.86
CA GLY F 26 -26.25 3.51 -5.70
C GLY F 26 -27.49 2.83 -6.30
N LYS F 27 -27.27 1.87 -7.20
CA LYS F 27 -28.34 1.24 -7.94
C LYS F 27 -28.79 -0.07 -7.30
N VAL F 28 -27.87 -0.79 -6.64
CA VAL F 28 -28.19 -2.11 -6.13
C VAL F 28 -27.97 -2.26 -4.62
N LEU F 29 -26.75 -2.04 -4.14
CA LEU F 29 -26.44 -2.37 -2.74
C LEU F 29 -26.13 -1.15 -1.86
N THR F 30 -26.03 -1.38 -0.54
CA THR F 30 -25.72 -0.30 0.38
C THR F 30 -24.20 -0.24 0.52
N ASP F 31 -23.56 0.94 0.57
CA ASP F 31 -22.12 1.03 0.53
C ASP F 31 -21.43 0.23 1.64
N GLU F 32 -22.10 0.00 2.76
CA GLU F 32 -21.43 -0.90 3.72
C GLU F 32 -21.00 -2.18 2.98
N GLN F 33 -21.86 -2.64 2.07
CA GLN F 33 -21.66 -3.83 1.27
C GLN F 33 -20.50 -3.64 0.32
N TYR F 34 -20.35 -2.46 -0.26
CA TYR F 34 -19.20 -2.09 -1.09
C TYR F 34 -17.89 -2.39 -0.37
N GLN F 35 -17.74 -1.80 0.82
CA GLN F 35 -16.51 -1.95 1.59
C GLN F 35 -16.27 -3.40 1.95
N ALA F 36 -17.35 -4.10 2.33
CA ALA F 36 -17.29 -5.50 2.71
C ALA F 36 -16.69 -6.35 1.58
N VAL F 37 -17.21 -6.18 0.36
CA VAL F 37 -16.79 -6.95 -0.80
C VAL F 37 -15.33 -6.62 -1.12
N ARG F 38 -14.94 -5.34 -0.94
CA ARG F 38 -13.60 -4.89 -1.28
C ARG F 38 -12.56 -5.48 -0.34
N ALA F 39 -12.97 -5.80 0.88
CA ALA F 39 -12.05 -6.18 1.95
C ALA F 39 -11.22 -7.47 1.76
N GLU F 40 -11.83 -8.62 1.44
CA GLU F 40 -11.16 -9.88 1.28
C GLU F 40 -10.12 -9.85 0.15
N PRO F 41 -8.98 -10.55 0.30
CA PRO F 41 -7.80 -10.37 -0.55
C PRO F 41 -7.96 -10.72 -2.03
N THR F 42 -8.70 -11.79 -2.33
CA THR F 42 -8.71 -12.32 -3.69
C THR F 42 -9.97 -11.90 -4.43
N ASN F 43 -9.81 -11.75 -5.75
CA ASN F 43 -10.89 -11.47 -6.66
C ASN F 43 -11.96 -12.57 -6.60
N PRO F 44 -11.62 -13.88 -6.61
CA PRO F 44 -12.60 -14.92 -6.31
C PRO F 44 -13.41 -14.77 -5.03
N SER F 45 -12.74 -14.37 -3.95
CA SER F 45 -13.43 -14.18 -2.68
C SER F 45 -14.25 -12.90 -2.70
N LYS F 46 -13.79 -11.91 -3.48
CA LYS F 46 -14.47 -10.63 -3.61
C LYS F 46 -15.81 -10.84 -4.30
N MET F 47 -15.81 -11.70 -5.32
CA MET F 47 -17.01 -12.03 -6.08
C MET F 47 -17.95 -12.88 -5.23
N ARG F 48 -17.34 -13.73 -4.38
CA ARG F 48 -18.10 -14.64 -3.54
C ARG F 48 -18.95 -13.85 -2.56
N LYS F 49 -18.38 -12.78 -1.99
CA LYS F 49 -19.10 -11.94 -1.06
C LYS F 49 -20.12 -11.09 -1.80
N LEU F 50 -19.82 -10.77 -3.07
CA LEU F 50 -20.71 -9.95 -3.88
C LEU F 50 -22.00 -10.69 -4.18
N PHE F 51 -21.88 -11.99 -4.50
CA PHE F 51 -23.04 -12.76 -4.90
C PHE F 51 -23.89 -13.14 -3.69
N SER F 52 -23.28 -13.07 -2.51
CA SER F 52 -23.97 -13.30 -1.26
C SER F 52 -24.81 -12.08 -0.88
N PHE F 53 -24.45 -10.92 -1.44
CA PHE F 53 -25.27 -9.74 -1.19
C PHE F 53 -26.36 -9.62 -2.24
N THR F 54 -26.13 -10.22 -3.40
CA THR F 54 -27.03 -9.98 -4.52
C THR F 54 -28.13 -11.03 -4.49
N PRO F 55 -29.43 -10.66 -4.32
CA PRO F 55 -30.50 -11.65 -4.30
C PRO F 55 -30.73 -12.29 -5.67
N ALA F 56 -30.73 -13.63 -5.69
CA ALA F 56 -30.94 -14.39 -6.91
C ALA F 56 -32.32 -14.13 -7.51
N GLY F 57 -33.32 -13.86 -6.66
CA GLY F 57 -34.69 -13.62 -7.07
C GLY F 57 -34.90 -12.19 -7.60
N ASN F 58 -33.91 -11.32 -7.39
CA ASN F 58 -33.98 -9.95 -7.86
C ASN F 58 -33.44 -9.96 -9.29
N TRP F 59 -34.38 -10.06 -10.24
CA TRP F 59 -34.01 -10.18 -11.65
C TRP F 59 -33.51 -8.85 -12.19
N THR F 60 -34.05 -7.76 -11.64
CA THR F 60 -33.78 -6.43 -12.15
C THR F 60 -32.29 -6.11 -12.00
N CYS F 61 -31.77 -6.30 -10.78
CA CYS F 61 -30.38 -6.03 -10.45
C CYS F 61 -29.45 -6.91 -11.27
N LYS F 62 -29.87 -8.16 -11.51
CA LYS F 62 -29.15 -9.12 -12.33
C LYS F 62 -28.97 -8.59 -13.75
N ASP F 63 -29.97 -7.94 -14.35
CA ASP F 63 -29.84 -7.38 -15.70
C ASP F 63 -28.75 -6.30 -15.77
N LEU F 64 -28.75 -5.44 -14.76
CA LEU F 64 -27.78 -4.36 -14.69
C LEU F 64 -26.38 -4.93 -14.49
N LEU F 65 -26.29 -6.01 -13.73
CA LEU F 65 -25.04 -6.71 -13.48
C LEU F 65 -24.51 -7.29 -14.79
N LEU F 66 -25.40 -7.85 -15.63
CA LEU F 66 -25.00 -8.43 -16.90
C LEU F 66 -24.46 -7.36 -17.82
N GLN F 67 -25.14 -6.20 -17.86
CA GLN F 67 -24.70 -5.09 -18.68
C GLN F 67 -23.34 -4.61 -18.18
N ALA F 68 -23.17 -4.60 -16.86
CA ALA F 68 -21.91 -4.23 -16.24
C ALA F 68 -20.82 -5.19 -16.67
N LEU F 69 -21.12 -6.49 -16.69
CA LEU F 69 -20.17 -7.52 -17.10
C LEU F 69 -19.80 -7.31 -18.57
N ARG F 70 -20.80 -6.95 -19.39
CA ARG F 70 -20.58 -6.73 -20.81
C ARG F 70 -19.68 -5.51 -21.02
N GLU F 71 -19.82 -4.50 -20.15
CA GLU F 71 -19.07 -3.27 -20.31
C GLU F 71 -17.73 -3.31 -19.58
N SER F 72 -17.59 -4.29 -18.67
CA SER F 72 -16.39 -4.37 -17.85
C SER F 72 -15.24 -5.06 -18.55
N GLN F 73 -15.47 -6.33 -18.95
CA GLN F 73 -14.40 -7.13 -19.52
C GLN F 73 -14.62 -7.55 -20.98
N SER F 74 -15.89 -7.73 -21.39
CA SER F 74 -16.36 -7.60 -22.78
C SER F 74 -15.87 -8.72 -23.69
N TYR F 75 -15.16 -9.70 -23.14
CA TYR F 75 -14.65 -10.81 -23.92
C TYR F 75 -15.04 -12.12 -23.24
N LEU F 76 -15.06 -12.11 -21.91
CA LEU F 76 -15.39 -13.27 -21.11
C LEU F 76 -16.87 -13.60 -21.31
N VAL F 77 -17.68 -12.56 -21.53
CA VAL F 77 -19.12 -12.73 -21.64
C VAL F 77 -19.45 -13.51 -22.93
N GLU F 78 -18.71 -13.21 -24.00
CA GLU F 78 -18.90 -13.90 -25.26
C GLU F 78 -18.34 -15.33 -25.16
N ASP F 79 -17.26 -15.52 -24.38
CA ASP F 79 -16.71 -16.85 -24.19
C ASP F 79 -17.65 -17.69 -23.31
N LEU F 80 -18.51 -17.02 -22.54
CA LEU F 80 -19.49 -17.71 -21.74
C LEU F 80 -20.74 -18.06 -22.56
N GLU F 81 -21.01 -17.27 -23.60
CA GLU F 81 -22.09 -17.56 -24.53
C GLU F 81 -21.71 -18.78 -25.36
N ARG F 82 -20.42 -18.89 -25.72
CA ARG F 82 -19.89 -20.01 -26.48
C ARG F 82 -19.92 -21.26 -25.60
N HIS G 1 12.33 -35.59 3.72
CA HIS G 1 12.13 -35.21 5.14
C HIS G 1 12.93 -33.96 5.48
N PHE G 2 13.98 -33.73 4.69
CA PHE G 2 14.77 -32.50 4.64
C PHE G 2 13.83 -31.29 4.54
N ILE G 3 12.82 -31.44 3.69
CA ILE G 3 11.87 -30.39 3.38
C ILE G 3 11.11 -29.99 4.64
N ASP G 4 10.62 -30.97 5.43
CA ASP G 4 9.82 -30.68 6.60
C ASP G 4 10.63 -29.90 7.63
N GLN G 5 11.93 -30.22 7.67
CA GLN G 5 12.88 -29.60 8.58
C GLN G 5 13.07 -28.14 8.20
N HIS G 6 13.15 -27.89 6.88
CA HIS G 6 13.14 -26.55 6.33
C HIS G 6 11.74 -26.10 5.92
N ARG G 7 10.69 -26.87 6.23
CA ARG G 7 9.34 -26.30 6.36
C ARG G 7 9.31 -25.25 7.47
N ALA G 8 10.11 -25.46 8.52
CA ALA G 8 10.16 -24.51 9.63
C ALA G 8 11.10 -23.36 9.25
N ALA G 9 12.25 -23.73 8.68
CA ALA G 9 13.32 -22.80 8.40
C ALA G 9 12.85 -21.75 7.40
N LEU G 10 12.36 -22.19 6.26
CA LEU G 10 12.05 -21.33 5.14
C LEU G 10 10.89 -20.40 5.47
N ILE G 11 9.95 -20.82 6.32
CA ILE G 11 8.88 -19.90 6.74
C ILE G 11 9.48 -18.69 7.44
N ALA G 12 10.66 -18.83 8.02
CA ALA G 12 11.29 -17.68 8.67
C ALA G 12 12.47 -17.15 7.86
N ARG G 13 12.79 -17.74 6.70
CA ARG G 13 13.99 -17.34 5.96
C ARG G 13 13.76 -16.78 4.54
N VAL G 14 13.35 -17.61 3.58
CA VAL G 14 13.26 -17.21 2.15
C VAL G 14 12.36 -15.98 1.90
N THR G 15 12.71 -15.16 0.89
CA THR G 15 12.02 -13.92 0.61
C THR G 15 11.60 -13.81 -0.87
N ASN G 16 11.66 -14.92 -1.62
CA ASN G 16 11.31 -14.94 -3.03
C ASN G 16 10.12 -15.88 -3.28
N VAL G 17 9.01 -15.65 -2.57
CA VAL G 17 7.91 -16.60 -2.57
C VAL G 17 7.17 -16.49 -3.90
N GLU G 18 7.00 -15.26 -4.38
CA GLU G 18 6.27 -14.96 -5.61
C GLU G 18 6.83 -15.68 -6.84
N TRP G 19 8.14 -15.96 -6.89
CA TRP G 19 8.77 -16.69 -7.97
C TRP G 19 8.58 -18.19 -7.79
N LEU G 20 8.82 -18.71 -6.58
CA LEU G 20 8.56 -20.10 -6.29
C LEU G 20 7.09 -20.41 -6.58
N LEU G 21 6.25 -19.43 -6.28
CA LEU G 21 4.81 -19.59 -6.45
C LEU G 21 4.53 -20.10 -7.86
N ASP G 22 5.41 -19.73 -8.80
CA ASP G 22 5.23 -20.17 -10.17
C ASP G 22 5.40 -21.68 -10.26
N ALA G 23 6.42 -22.21 -9.56
CA ALA G 23 6.73 -23.62 -9.66
C ALA G 23 5.54 -24.47 -9.24
N LEU G 24 4.52 -23.88 -8.61
CA LEU G 24 3.44 -24.72 -8.11
C LEU G 24 2.13 -24.42 -8.81
N TYR G 25 2.10 -23.40 -9.66
CA TYR G 25 0.84 -23.00 -10.27
C TYR G 25 0.32 -24.15 -11.11
N GLY G 26 -0.89 -24.61 -10.75
CA GLY G 26 -1.53 -25.69 -11.50
C GLY G 26 -0.88 -27.03 -11.16
N LYS G 27 0.45 -27.04 -11.06
CA LYS G 27 1.09 -28.27 -10.64
C LYS G 27 0.40 -28.71 -9.36
N VAL G 28 0.38 -27.82 -8.37
CA VAL G 28 -0.16 -28.11 -7.06
C VAL G 28 -1.07 -26.99 -6.61
N LEU G 29 -0.83 -25.74 -7.03
CA LEU G 29 -1.58 -24.61 -6.53
C LEU G 29 -2.53 -24.12 -7.61
N THR G 30 -3.84 -24.21 -7.34
CA THR G 30 -4.84 -23.61 -8.21
C THR G 30 -4.92 -22.12 -7.89
N ASP G 31 -5.75 -21.38 -8.64
CA ASP G 31 -5.82 -19.93 -8.52
C ASP G 31 -6.35 -19.52 -7.14
N GLU G 32 -7.22 -20.35 -6.55
CA GLU G 32 -7.75 -20.07 -5.23
C GLU G 32 -6.62 -20.02 -4.20
N GLN G 33 -5.64 -20.91 -4.34
CA GLN G 33 -4.47 -20.92 -3.46
C GLN G 33 -3.60 -19.71 -3.79
N TYR G 34 -3.32 -19.55 -5.09
CA TYR G 34 -2.31 -18.63 -5.60
C TYR G 34 -2.59 -17.23 -5.12
N GLN G 35 -3.80 -16.74 -5.37
CA GLN G 35 -4.17 -15.36 -5.04
C GLN G 35 -4.10 -15.15 -3.53
N ALA G 36 -4.56 -16.15 -2.77
CA ALA G 36 -4.58 -16.11 -1.32
C ALA G 36 -3.18 -15.89 -0.77
N VAL G 37 -2.22 -16.70 -1.26
CA VAL G 37 -0.84 -16.64 -0.78
C VAL G 37 -0.22 -15.31 -1.16
N ARG G 38 -0.57 -14.78 -2.34
CA ARG G 38 0.02 -13.56 -2.86
C ARG G 38 -0.45 -12.35 -2.04
N ALA G 39 -1.65 -12.45 -1.45
CA ALA G 39 -2.29 -11.31 -0.81
C ALA G 39 -1.66 -11.05 0.56
N GLU G 40 -0.84 -11.98 1.05
CA GLU G 40 -0.25 -11.88 2.36
C GLU G 40 0.89 -10.84 2.37
N PRO G 41 0.95 -10.00 3.42
CA PRO G 41 1.84 -8.83 3.43
C PRO G 41 3.33 -9.14 3.46
N THR G 42 3.74 -10.12 4.27
CA THR G 42 5.14 -10.43 4.48
C THR G 42 5.46 -11.75 3.80
N ASN G 43 6.72 -11.89 3.37
CA ASN G 43 7.24 -13.12 2.80
C ASN G 43 7.12 -14.27 3.79
N PRO G 44 7.49 -14.12 5.09
CA PRO G 44 7.18 -15.13 6.10
C PRO G 44 5.72 -15.58 6.19
N SER G 45 4.79 -14.62 6.11
CA SER G 45 3.39 -14.96 6.16
C SER G 45 2.92 -15.57 4.85
N LYS G 46 3.58 -15.19 3.75
CA LYS G 46 3.25 -15.72 2.43
C LYS G 46 3.59 -17.20 2.37
N MET G 47 4.74 -17.55 2.97
CA MET G 47 5.18 -18.93 3.03
C MET G 47 4.29 -19.73 3.98
N ARG G 48 3.83 -19.07 5.04
CA ARG G 48 3.04 -19.69 6.07
C ARG G 48 1.71 -20.16 5.48
N LYS G 49 1.11 -19.32 4.63
CA LYS G 49 -0.15 -19.67 3.98
C LYS G 49 0.10 -20.71 2.90
N LEU G 50 1.29 -20.66 2.31
CA LEU G 50 1.63 -21.48 1.17
C LEU G 50 1.80 -22.91 1.62
N PHE G 51 2.47 -23.10 2.77
CA PHE G 51 2.79 -24.43 3.24
C PHE G 51 1.56 -25.07 3.87
N SER G 52 0.57 -24.23 4.22
CA SER G 52 -0.70 -24.72 4.70
C SER G 52 -1.59 -25.00 3.51
N PHE G 53 -1.07 -24.73 2.32
CA PHE G 53 -1.80 -24.99 1.10
C PHE G 53 -1.12 -26.14 0.38
N THR G 54 -0.08 -26.72 0.99
CA THR G 54 0.49 -27.95 0.44
C THR G 54 0.55 -29.06 1.48
N PRO G 55 -0.58 -29.47 2.12
CA PRO G 55 -0.53 -30.42 3.23
C PRO G 55 -0.32 -31.83 2.69
N ALA G 56 -0.14 -31.91 1.37
CA ALA G 56 0.06 -33.20 0.73
C ALA G 56 1.43 -33.74 1.11
N GLY G 57 1.42 -35.01 1.54
CA GLY G 57 2.63 -35.76 1.87
C GLY G 57 3.38 -36.26 0.63
N ASN G 58 2.77 -36.14 -0.53
CA ASN G 58 3.36 -36.42 -1.82
C ASN G 58 4.75 -35.80 -1.97
N TRP G 59 5.68 -36.66 -2.37
CA TRP G 59 7.07 -36.27 -2.53
C TRP G 59 7.26 -35.37 -3.75
N THR G 60 6.39 -35.52 -4.75
CA THR G 60 6.41 -34.75 -5.98
C THR G 60 6.38 -33.24 -5.69
N CYS G 61 5.39 -32.78 -4.91
CA CYS G 61 5.23 -31.38 -4.59
C CYS G 61 6.44 -30.85 -3.80
N LYS G 62 6.96 -31.71 -2.91
CA LYS G 62 8.12 -31.39 -2.09
C LYS G 62 9.34 -31.22 -3.00
N ASP G 63 9.48 -32.16 -3.93
CA ASP G 63 10.59 -32.22 -4.87
C ASP G 63 10.53 -31.01 -5.81
N LEU G 64 9.33 -30.62 -6.26
CA LEU G 64 9.16 -29.47 -7.12
C LEU G 64 9.58 -28.19 -6.39
N LEU G 65 9.24 -28.14 -5.09
CA LEU G 65 9.59 -27.01 -4.25
C LEU G 65 11.11 -26.90 -4.12
N LEU G 66 11.77 -28.06 -3.94
CA LEU G 66 13.21 -28.12 -3.77
C LEU G 66 13.90 -27.66 -5.05
N GLN G 67 13.39 -28.11 -6.20
CA GLN G 67 13.95 -27.74 -7.49
C GLN G 67 13.77 -26.23 -7.67
N ALA G 68 12.63 -25.71 -7.24
CA ALA G 68 12.36 -24.28 -7.29
C ALA G 68 13.38 -23.53 -6.45
N LEU G 69 13.64 -24.04 -5.24
CA LEU G 69 14.61 -23.44 -4.34
C LEU G 69 16.00 -23.47 -4.96
N ARG G 70 16.33 -24.58 -5.63
CA ARG G 70 17.63 -24.75 -6.26
C ARG G 70 17.78 -23.76 -7.41
N GLU G 71 16.67 -23.47 -8.11
CA GLU G 71 16.73 -22.63 -9.29
C GLU G 71 16.52 -21.16 -8.91
N SER G 72 16.02 -20.91 -7.70
CA SER G 72 15.75 -19.54 -7.27
C SER G 72 17.00 -18.85 -6.75
N GLN G 73 17.57 -19.40 -5.66
CA GLN G 73 18.67 -18.76 -4.97
C GLN G 73 19.90 -19.67 -4.84
N SER G 74 19.66 -21.00 -4.75
CA SER G 74 20.65 -22.06 -4.75
C SER G 74 21.54 -22.04 -3.51
N TYR G 75 21.08 -21.36 -2.45
CA TYR G 75 21.96 -21.17 -1.30
C TYR G 75 21.45 -21.83 -0.03
N LEU G 76 20.12 -21.83 0.07
CA LEU G 76 19.44 -22.23 1.29
C LEU G 76 19.61 -23.73 1.51
N VAL G 77 19.78 -24.50 0.43
CA VAL G 77 19.87 -25.93 0.51
C VAL G 77 21.17 -26.33 1.23
N GLU G 78 22.27 -25.61 0.97
CA GLU G 78 23.49 -25.90 1.69
C GLU G 78 23.41 -25.36 3.11
N ASP G 79 22.78 -24.20 3.24
CA ASP G 79 22.75 -23.46 4.49
C ASP G 79 21.89 -24.17 5.53
N LEU G 80 20.96 -25.00 5.06
CA LEU G 80 20.11 -25.73 5.97
C LEU G 80 20.63 -27.12 6.22
N GLU G 81 21.49 -27.63 5.31
CA GLU G 81 22.20 -28.87 5.59
C GLU G 81 23.23 -28.66 6.71
N ARG G 82 23.83 -27.47 6.70
CA ARG G 82 24.74 -27.04 7.76
C ARG G 82 25.97 -27.96 7.86
N HIS H 1 7.11 7.18 31.05
CA HIS H 1 5.73 6.95 30.58
C HIS H 1 5.42 7.87 29.40
N PHE H 2 6.35 8.77 29.07
CA PHE H 2 6.07 9.94 28.24
C PHE H 2 5.56 9.52 26.87
N ILE H 3 6.23 8.51 26.32
CA ILE H 3 5.91 8.03 24.97
C ILE H 3 4.52 7.41 24.96
N ASP H 4 4.18 6.62 25.99
CA ASP H 4 2.89 5.95 26.06
C ASP H 4 1.76 6.98 26.16
N GLN H 5 2.07 8.12 26.81
CA GLN H 5 1.14 9.22 26.97
C GLN H 5 0.89 9.88 25.61
N HIS H 6 1.94 10.04 24.82
CA HIS H 6 1.87 10.89 23.63
C HIS H 6 1.83 10.10 22.33
N ARG H 7 1.55 8.79 22.42
CA ARG H 7 1.57 7.94 21.25
C ARG H 7 0.49 8.37 20.26
N ALA H 8 -0.63 8.93 20.76
CA ALA H 8 -1.71 9.42 19.94
C ALA H 8 -1.27 10.55 19.02
N ALA H 9 -0.42 11.45 19.53
CA ALA H 9 0.30 12.40 18.68
C ALA H 9 1.20 11.61 17.74
N LEU H 10 2.10 10.80 18.30
CA LEU H 10 3.26 10.32 17.58
C LEU H 10 2.88 9.42 16.41
N ILE H 11 1.82 8.64 16.57
CA ILE H 11 1.27 7.77 15.54
C ILE H 11 0.97 8.61 14.30
N ALA H 12 0.63 9.90 14.49
CA ALA H 12 0.18 10.72 13.37
C ALA H 12 0.99 12.02 13.26
N ARG H 13 2.19 12.02 13.82
CA ARG H 13 3.01 13.23 13.83
C ARG H 13 4.36 13.00 13.16
N VAL H 14 5.09 11.96 13.59
CA VAL H 14 6.39 11.67 13.02
C VAL H 14 6.22 10.75 11.80
N THR H 15 7.02 11.02 10.76
CA THR H 15 6.76 10.44 9.45
C THR H 15 7.75 9.31 9.15
N ASN H 16 8.96 9.38 9.72
CA ASN H 16 10.11 8.63 9.23
C ASN H 16 10.19 7.26 9.91
N VAL H 17 9.17 6.45 9.65
CA VAL H 17 8.99 5.16 10.31
C VAL H 17 10.22 4.27 10.03
N GLU H 18 10.79 4.40 8.84
CA GLU H 18 11.89 3.56 8.38
C GLU H 18 13.14 3.78 9.24
N TRP H 19 13.44 5.04 9.60
CA TRP H 19 14.61 5.29 10.45
C TRP H 19 14.39 4.65 11.81
N LEU H 20 13.22 4.92 12.39
CA LEU H 20 12.85 4.38 13.68
C LEU H 20 12.95 2.87 13.63
N LEU H 21 12.65 2.28 12.47
CA LEU H 21 12.60 0.85 12.31
C LEU H 21 13.93 0.22 12.67
N ASP H 22 15.04 0.93 12.38
CA ASP H 22 16.34 0.29 12.41
C ASP H 22 16.68 -0.18 13.82
N ALA H 23 16.47 0.73 14.79
CA ALA H 23 16.89 0.46 16.16
C ALA H 23 16.04 -0.66 16.75
N LEU H 24 14.75 -0.65 16.40
CA LEU H 24 13.83 -1.62 16.95
C LEU H 24 14.09 -3.01 16.38
N TYR H 25 14.53 -3.04 15.13
CA TYR H 25 14.88 -4.28 14.45
C TYR H 25 15.96 -4.99 15.26
N GLY H 26 16.92 -4.22 15.77
CA GLY H 26 18.05 -4.76 16.50
C GLY H 26 17.65 -5.39 17.82
N LYS H 27 16.68 -4.77 18.50
CA LYS H 27 16.43 -5.02 19.91
C LYS H 27 15.17 -5.87 20.07
N VAL H 28 14.09 -5.50 19.38
CA VAL H 28 12.79 -6.11 19.66
C VAL H 28 12.17 -6.72 18.40
N LEU H 29 12.20 -5.98 17.29
CA LEU H 29 11.57 -6.45 16.07
C LEU H 29 12.35 -7.62 15.47
N THR H 30 11.66 -8.75 15.29
CA THR H 30 12.17 -9.85 14.48
C THR H 30 11.95 -9.50 13.01
N ASP H 31 12.49 -10.29 12.08
CA ASP H 31 12.44 -9.93 10.67
C ASP H 31 11.00 -9.97 10.15
N GLU H 32 10.21 -10.92 10.67
CA GLU H 32 8.83 -11.04 10.22
C GLU H 32 8.04 -9.82 10.66
N GLN H 33 8.34 -9.31 11.87
CA GLN H 33 7.69 -8.14 12.41
C GLN H 33 8.07 -6.88 11.63
N TYR H 34 9.36 -6.81 11.25
CA TYR H 34 9.88 -5.73 10.43
C TYR H 34 9.08 -5.65 9.13
N GLN H 35 8.96 -6.77 8.42
CA GLN H 35 8.28 -6.82 7.14
C GLN H 35 6.81 -6.43 7.30
N ALA H 36 6.17 -6.92 8.38
CA ALA H 36 4.78 -6.65 8.68
C ALA H 36 4.54 -5.15 8.78
N VAL H 37 5.38 -4.46 9.56
CA VAL H 37 5.23 -3.02 9.79
C VAL H 37 5.46 -2.26 8.50
N ARG H 38 6.40 -2.74 7.67
CA ARG H 38 6.77 -2.08 6.43
C ARG H 38 5.65 -2.17 5.40
N ALA H 39 4.83 -3.22 5.50
CA ALA H 39 3.86 -3.52 4.47
C ALA H 39 2.65 -2.59 4.60
N GLU H 40 2.53 -1.92 5.75
CA GLU H 40 1.38 -1.07 6.03
C GLU H 40 1.50 0.20 5.22
N PRO H 41 0.38 0.75 4.69
CA PRO H 41 0.47 1.85 3.71
C PRO H 41 0.96 3.18 4.27
N THR H 42 0.40 3.61 5.40
CA THR H 42 0.61 4.97 5.88
C THR H 42 1.52 4.94 7.10
N ASN H 43 2.31 6.00 7.26
CA ASN H 43 3.15 6.19 8.43
C ASN H 43 2.32 6.01 9.72
N PRO H 44 1.11 6.60 9.85
CA PRO H 44 0.23 6.30 10.97
C PRO H 44 -0.10 4.84 11.20
N SER H 45 -0.36 4.12 10.11
CA SER H 45 -0.70 2.71 10.23
C SER H 45 0.56 1.88 10.53
N LYS H 46 1.72 2.37 10.05
CA LYS H 46 3.00 1.72 10.24
C LYS H 46 3.36 1.77 11.73
N MET H 47 3.09 2.91 12.36
CA MET H 47 3.35 3.12 13.77
C MET H 47 2.37 2.32 14.61
N ARG H 48 1.14 2.18 14.09
CA ARG H 48 0.08 1.47 14.79
C ARG H 48 0.47 0.00 14.95
N LYS H 49 1.05 -0.59 13.90
CA LYS H 49 1.51 -1.96 13.94
C LYS H 49 2.76 -2.08 14.81
N LEU H 50 3.55 -1.01 14.86
CA LEU H 50 4.78 -1.00 15.63
C LEU H 50 4.48 -1.05 17.12
N PHE H 51 3.45 -0.29 17.54
CA PHE H 51 3.13 -0.19 18.96
C PHE H 51 2.41 -1.45 19.43
N SER H 52 1.86 -2.21 18.49
CA SER H 52 1.25 -3.49 18.78
C SER H 52 2.33 -4.56 18.99
N PHE H 53 3.53 -4.30 18.48
CA PHE H 53 4.64 -5.20 18.75
C PHE H 53 5.35 -4.84 20.05
N THR H 54 5.20 -3.59 20.48
CA THR H 54 5.88 -3.05 21.62
C THR H 54 5.19 -3.46 22.94
N PRO H 55 5.84 -4.26 23.82
CA PRO H 55 5.23 -4.63 25.10
C PRO H 55 5.15 -3.46 26.08
N ALA H 56 3.95 -3.25 26.61
CA ALA H 56 3.63 -2.07 27.39
C ALA H 56 4.41 -2.03 28.69
N GLY H 57 4.71 -3.20 29.27
CA GLY H 57 5.41 -3.29 30.54
C GLY H 57 6.92 -3.10 30.42
N ASN H 58 7.41 -3.14 29.15
CA ASN H 58 8.83 -3.05 28.88
C ASN H 58 9.24 -1.59 28.79
N TRP H 59 10.04 -1.12 29.77
CA TRP H 59 10.64 0.19 29.73
C TRP H 59 11.72 0.25 28.65
N THR H 60 12.41 -0.87 28.45
CA THR H 60 13.59 -0.91 27.59
C THR H 60 13.21 -0.57 26.17
N CYS H 61 12.18 -1.27 25.64
CA CYS H 61 11.72 -1.08 24.28
C CYS H 61 11.16 0.33 24.10
N LYS H 62 10.48 0.84 25.13
CA LYS H 62 9.93 2.18 25.14
C LYS H 62 11.06 3.20 25.04
N ASP H 63 12.09 2.97 25.86
CA ASP H 63 13.24 3.85 25.96
C ASP H 63 14.01 3.84 24.64
N LEU H 64 14.14 2.66 24.01
CA LEU H 64 14.82 2.55 22.73
C LEU H 64 14.07 3.33 21.65
N LEU H 65 12.73 3.27 21.73
CA LEU H 65 11.86 3.97 20.80
C LEU H 65 12.05 5.48 20.95
N LEU H 66 12.15 5.94 22.21
CA LEU H 66 12.30 7.36 22.51
C LEU H 66 13.62 7.85 21.97
N GLN H 67 14.68 7.06 22.19
CA GLN H 67 16.01 7.40 21.73
C GLN H 67 16.00 7.45 20.20
N ALA H 68 15.28 6.52 19.58
CA ALA H 68 15.13 6.47 18.14
C ALA H 68 14.46 7.75 17.66
N LEU H 69 13.40 8.17 18.36
CA LEU H 69 12.66 9.37 18.01
C LEU H 69 13.57 10.59 18.14
N ARG H 70 14.39 10.61 19.20
CA ARG H 70 15.30 11.69 19.47
C ARG H 70 16.36 11.77 18.38
N GLU H 71 16.79 10.61 17.88
CA GLU H 71 17.88 10.56 16.91
C GLU H 71 17.34 10.64 15.49
N SER H 72 16.05 10.39 15.31
CA SER H 72 15.37 10.63 14.04
C SER H 72 14.90 12.08 14.10
N GLN H 73 13.87 12.31 14.93
CA GLN H 73 13.34 13.65 15.08
C GLN H 73 13.28 14.15 16.50
N SER H 74 14.28 14.93 16.87
CA SER H 74 14.07 15.47 18.21
C SER H 74 13.37 16.82 18.17
N TYR H 75 13.04 17.32 16.96
CA TYR H 75 12.33 18.58 16.85
C TYR H 75 10.82 18.38 17.02
N LEU H 76 10.32 17.18 16.74
CA LEU H 76 9.01 16.73 17.22
C LEU H 76 9.07 16.57 18.74
N VAL H 77 10.23 16.13 19.22
CA VAL H 77 10.44 15.89 20.65
C VAL H 77 10.46 17.23 21.38
N GLU H 78 11.00 18.27 20.73
CA GLU H 78 11.02 19.60 21.33
C GLU H 78 9.60 20.19 21.31
N ASP H 79 8.82 19.88 20.28
CA ASP H 79 7.44 20.34 20.22
C ASP H 79 6.58 19.60 21.21
N LEU H 80 7.05 18.42 21.66
CA LEU H 80 6.38 17.64 22.68
C LEU H 80 6.71 18.18 24.07
N GLU H 81 7.91 18.78 24.22
CA GLU H 81 8.32 19.42 25.46
C GLU H 81 7.51 20.69 25.65
N ARG H 82 7.27 21.41 24.55
CA ARG H 82 6.54 22.66 24.54
C ARG H 82 5.05 22.37 24.86
#